data_9J1C
#
_entry.id   9J1C
#
_cell.length_a   61.379
_cell.length_b   61.379
_cell.length_c   233.175
_cell.angle_alpha   90.00
_cell.angle_beta   90.00
_cell.angle_gamma   90.00
#
_symmetry.space_group_name_H-M   'P 41'
#
loop_
_entity.id
_entity.type
_entity.pdbx_description
1 polymer Concanavalin-A
2 non-polymer 'MANGANESE (II) ION'
3 non-polymer 'CALCIUM ION'
4 non-polymer ~{N}2,~{N}6-bis[2-[2-[(2~{S},3~{S},4~{S},5~{S},6~{R})-6-(hydroxymethyl)-3,4,5-tris(oxidanyl)oxan-2-yl]oxyethoxy]ethyl]naphthalene-2,6-dicarboxamide
#
_entity_poly.entity_id   1
_entity_poly.type   'polypeptide(L)'
_entity_poly.pdbx_seq_one_letter_code
;ADTIVAVELDTYPNTDIGDPSYPHIGIDIKSVRSKKTAKWNMQNGKVGTAHIIYNSVDKRLSAVVSYPNADSATVSYDVD
LDNVLPEWVRVGLSASTGLYKETNTILSWSFTSKLKSNSTHETNALHFMFNQFSKDQKDLILQGDATTGTDGNLELTRVS
SNGSPQGSSVGRALFYAPVHIWESSAVVASFEATFTFLIKSPDSHPADGIAFFISNIDSSIPSGSTGRLLGLFPDAN
;
_entity_poly.pdbx_strand_id   A,B,C,D
#
# COMPACT_ATOMS: atom_id res chain seq x y z
N ALA A 1 -5.45 -15.76 0.83
CA ALA A 1 -6.90 -15.88 0.99
C ALA A 1 -7.51 -14.66 1.69
N ASP A 2 -8.14 -13.79 0.90
CA ASP A 2 -8.83 -12.61 1.44
C ASP A 2 -10.11 -13.01 2.19
N THR A 3 -10.42 -12.27 3.25
CA THR A 3 -11.67 -12.44 3.96
C THR A 3 -12.74 -11.50 3.39
N ILE A 4 -13.90 -12.07 3.08
CA ILE A 4 -14.92 -11.37 2.30
C ILE A 4 -16.29 -11.58 2.92
N VAL A 5 -16.99 -10.48 3.12
CA VAL A 5 -18.41 -10.42 3.44
C VAL A 5 -19.06 -9.59 2.34
N ALA A 6 -20.12 -10.11 1.75
CA ALA A 6 -20.62 -9.55 0.51
C ALA A 6 -22.11 -9.78 0.42
N VAL A 7 -22.86 -8.75 0.02
CA VAL A 7 -24.22 -8.93 -0.46
C VAL A 7 -24.17 -8.93 -1.97
N GLU A 8 -24.61 -10.02 -2.58
CA GLU A 8 -24.46 -10.20 -4.01
C GLU A 8 -25.82 -10.10 -4.70
N LEU A 9 -25.80 -9.47 -5.88
CA LEU A 9 -26.95 -9.32 -6.76
C LEU A 9 -26.66 -10.17 -7.99
N ASP A 10 -27.01 -11.46 -7.91
CA ASP A 10 -26.57 -12.48 -8.87
C ASP A 10 -27.56 -12.59 -10.01
N THR A 11 -27.11 -12.26 -11.22
CA THR A 11 -27.99 -12.24 -12.39
C THR A 11 -27.96 -13.55 -13.18
N TYR A 12 -26.95 -14.39 -12.98
CA TYR A 12 -26.81 -15.64 -13.73
C TYR A 12 -26.85 -16.85 -12.81
N PRO A 13 -27.90 -17.68 -12.84
CA PRO A 13 -27.95 -18.84 -11.94
C PRO A 13 -26.98 -19.95 -12.32
N ASN A 14 -25.89 -20.10 -11.55
CA ASN A 14 -24.96 -21.23 -11.66
C ASN A 14 -25.46 -22.34 -10.76
N THR A 15 -26.31 -23.23 -11.29
CA THR A 15 -26.86 -24.27 -10.41
C THR A 15 -25.83 -25.32 -9.98
N ASP A 16 -24.65 -25.34 -10.63
CA ASP A 16 -23.61 -26.31 -10.27
C ASP A 16 -22.82 -25.91 -9.04
N ILE A 17 -22.86 -24.65 -8.62
CA ILE A 17 -22.19 -24.23 -7.40
C ILE A 17 -23.22 -23.68 -6.42
N GLY A 18 -24.42 -24.22 -6.42
CA GLY A 18 -25.40 -23.89 -5.41
C GLY A 18 -26.27 -22.68 -5.66
N ASP A 19 -26.13 -22.00 -6.79
CA ASP A 19 -27.07 -20.95 -7.11
C ASP A 19 -28.46 -21.54 -7.28
N PRO A 20 -29.50 -20.86 -6.80
CA PRO A 20 -30.87 -21.25 -7.18
C PRO A 20 -31.07 -21.07 -8.67
N SER A 21 -32.18 -21.62 -9.14
CA SER A 21 -32.48 -21.62 -10.58
C SER A 21 -32.90 -20.27 -11.09
N TYR A 22 -32.80 -19.22 -10.28
CA TYR A 22 -33.40 -17.98 -10.65
C TYR A 22 -32.56 -16.81 -10.17
N PRO A 23 -32.53 -15.71 -10.92
CA PRO A 23 -31.84 -14.49 -10.46
C PRO A 23 -32.21 -14.15 -9.02
N HIS A 24 -31.20 -13.81 -8.22
CA HIS A 24 -31.43 -13.76 -6.78
C HIS A 24 -30.46 -12.80 -6.13
N ILE A 25 -30.80 -12.37 -4.94
CA ILE A 25 -29.87 -11.69 -4.04
C ILE A 25 -29.40 -12.69 -3.00
N GLY A 26 -28.17 -12.52 -2.53
CA GLY A 26 -27.67 -13.42 -1.51
C GLY A 26 -26.64 -12.75 -0.61
N ILE A 27 -26.37 -13.43 0.50
CA ILE A 27 -25.48 -12.95 1.55
C ILE A 27 -24.32 -13.94 1.66
N ASP A 28 -23.08 -13.48 1.43
CA ASP A 28 -21.91 -14.35 1.32
C ASP A 28 -20.95 -14.10 2.47
N ILE A 29 -20.82 -15.08 3.35
CA ILE A 29 -19.85 -15.05 4.45
C ILE A 29 -18.69 -15.97 4.03
N LYS A 30 -17.63 -15.38 3.49
CA LYS A 30 -16.36 -16.04 3.15
C LYS A 30 -16.50 -17.08 2.06
N SER A 31 -17.59 -17.10 1.30
CA SER A 31 -17.79 -18.11 0.27
C SER A 31 -18.75 -17.59 -0.79
N VAL A 32 -18.48 -17.94 -2.05
CA VAL A 32 -19.39 -17.56 -3.14
C VAL A 32 -20.74 -18.27 -3.03
N ARG A 33 -20.80 -19.40 -2.31
CA ARG A 33 -22.04 -20.16 -2.09
C ARG A 33 -22.85 -19.51 -0.97
N SER A 34 -23.86 -18.71 -1.33
CA SER A 34 -24.49 -17.80 -0.37
C SER A 34 -25.00 -18.55 0.84
N LYS A 35 -24.92 -17.89 2.01
CA LYS A 35 -25.51 -18.44 3.22
C LYS A 35 -27.04 -18.31 3.23
N LYS A 36 -27.58 -17.40 2.42
CA LYS A 36 -29.02 -17.19 2.31
C LYS A 36 -29.29 -16.32 1.10
N THR A 37 -30.37 -16.63 0.38
CA THR A 37 -30.71 -16.00 -0.87
C THR A 37 -32.20 -15.66 -0.87
N ALA A 38 -32.63 -14.99 -1.93
CA ALA A 38 -34.04 -14.65 -2.13
C ALA A 38 -34.24 -14.34 -3.61
N LYS A 39 -35.34 -14.83 -4.19
CA LYS A 39 -35.65 -14.52 -5.58
C LYS A 39 -35.61 -13.01 -5.79
N TRP A 40 -35.04 -12.60 -6.93
CA TRP A 40 -34.89 -11.20 -7.30
C TRP A 40 -35.27 -11.05 -8.77
N ASN A 41 -36.37 -10.33 -9.03
CA ASN A 41 -36.84 -10.11 -10.39
C ASN A 41 -36.03 -8.97 -11.00
N MET A 42 -34.84 -9.30 -11.47
CA MET A 42 -34.01 -8.30 -12.14
C MET A 42 -34.84 -7.59 -13.22
N GLN A 43 -34.50 -6.34 -13.50
CA GLN A 43 -35.24 -5.59 -14.50
C GLN A 43 -34.25 -4.99 -15.47
N ASN A 44 -34.13 -5.62 -16.62
CA ASN A 44 -33.11 -5.24 -17.59
C ASN A 44 -33.30 -3.80 -18.04
N GLY A 45 -32.25 -2.99 -17.86
CA GLY A 45 -32.24 -1.65 -18.39
C GLY A 45 -32.73 -0.56 -17.46
N LYS A 46 -33.33 -0.89 -16.32
CA LYS A 46 -33.78 0.18 -15.43
C LYS A 46 -32.81 0.33 -14.27
N VAL A 47 -32.98 1.42 -13.55
CA VAL A 47 -32.13 1.76 -12.42
C VAL A 47 -32.75 1.16 -11.16
N GLY A 48 -31.94 0.40 -10.42
CA GLY A 48 -32.37 -0.21 -9.19
C GLY A 48 -31.58 0.37 -8.02
N THR A 49 -32.06 0.07 -6.82
CA THR A 49 -31.43 0.53 -5.60
C THR A 49 -31.17 -0.67 -4.70
N ALA A 50 -30.04 -0.66 -4.02
CA ALA A 50 -29.71 -1.66 -3.02
C ALA A 50 -29.33 -0.96 -1.73
N HIS A 51 -29.97 -1.37 -0.62
CA HIS A 51 -29.74 -0.81 0.69
C HIS A 51 -29.28 -1.93 1.60
N ILE A 52 -28.08 -1.82 2.16
CA ILE A 52 -27.56 -2.81 3.10
C ILE A 52 -27.47 -2.16 4.48
N ILE A 53 -27.81 -2.92 5.52
CA ILE A 53 -27.67 -2.48 6.91
C ILE A 53 -27.22 -3.65 7.82
N TYR A 54 -26.46 -3.29 8.84
CA TYR A 54 -25.97 -4.18 9.89
C TYR A 54 -25.77 -3.38 11.16
N ASN A 55 -26.11 -3.97 12.29
CA ASN A 55 -25.78 -3.33 13.56
C ASN A 55 -25.42 -4.41 14.56
N SER A 56 -24.61 -4.02 15.54
CA SER A 56 -24.06 -4.96 16.49
C SER A 56 -25.03 -5.32 17.61
N VAL A 57 -26.13 -4.59 17.80
CA VAL A 57 -27.13 -5.02 18.78
C VAL A 57 -27.88 -6.26 18.32
N ASP A 58 -27.89 -6.53 17.03
CA ASP A 58 -28.76 -7.55 16.47
C ASP A 58 -28.02 -8.53 15.59
N LYS A 59 -26.80 -8.19 15.15
CA LYS A 59 -25.93 -9.12 14.46
C LYS A 59 -26.68 -9.77 13.32
N ARG A 60 -27.43 -8.94 12.61
CA ARG A 60 -28.18 -9.33 11.42
C ARG A 60 -27.79 -8.44 10.25
N LEU A 61 -27.46 -9.06 9.14
CA LEU A 61 -27.05 -8.33 7.95
C LEU A 61 -28.20 -8.43 6.96
N SER A 62 -28.66 -7.28 6.47
CA SER A 62 -29.84 -7.21 5.64
C SER A 62 -29.57 -6.42 4.36
N ALA A 63 -30.28 -6.80 3.31
CA ALA A 63 -30.25 -6.04 2.06
C ALA A 63 -31.65 -6.03 1.48
N VAL A 64 -31.98 -4.91 0.84
CA VAL A 64 -33.19 -4.73 0.04
C VAL A 64 -32.75 -4.28 -1.35
N VAL A 65 -33.19 -4.99 -2.37
CA VAL A 65 -32.99 -4.58 -3.76
C VAL A 65 -34.35 -4.37 -4.38
N SER A 66 -34.58 -3.19 -4.96
CA SER A 66 -35.91 -2.91 -5.45
C SER A 66 -35.82 -1.93 -6.62
N TYR A 67 -36.87 -1.94 -7.41
CA TYR A 67 -36.99 -1.01 -8.51
C TYR A 67 -38.15 -0.05 -8.22
N PRO A 68 -38.15 1.11 -8.85
CA PRO A 68 -39.34 1.96 -8.86
C PRO A 68 -40.64 1.22 -9.18
N ASN A 69 -41.60 1.23 -8.27
CA ASN A 69 -42.92 0.56 -8.46
C ASN A 69 -42.82 -0.94 -8.68
N ALA A 70 -42.09 -1.65 -7.82
CA ALA A 70 -42.10 -3.11 -7.81
C ALA A 70 -41.94 -3.55 -6.38
N ASP A 71 -42.22 -4.83 -6.14
CA ASP A 71 -42.00 -5.40 -4.82
C ASP A 71 -40.51 -5.46 -4.53
N SER A 72 -40.12 -5.07 -3.33
CA SER A 72 -38.76 -5.29 -2.91
C SER A 72 -38.46 -6.78 -2.86
N ALA A 73 -37.18 -7.10 -2.84
CA ALA A 73 -36.68 -8.40 -2.44
C ALA A 73 -35.72 -8.16 -1.29
N THR A 74 -35.90 -8.89 -0.19
CA THR A 74 -35.05 -8.71 0.98
C THR A 74 -34.44 -10.04 1.35
N VAL A 75 -33.18 -10.04 1.78
CA VAL A 75 -32.57 -11.22 2.37
C VAL A 75 -31.74 -10.82 3.59
N SER A 76 -31.66 -11.74 4.56
CA SER A 76 -31.14 -11.41 5.87
C SER A 76 -30.42 -12.63 6.42
N TYR A 77 -29.42 -12.38 7.27
CA TYR A 77 -28.63 -13.46 7.87
C TYR A 77 -28.11 -13.02 9.23
N ASP A 78 -28.48 -13.76 10.27
CA ASP A 78 -27.79 -13.62 11.55
C ASP A 78 -26.33 -14.03 11.37
N VAL A 79 -25.45 -13.15 11.76
CA VAL A 79 -24.01 -13.30 11.60
C VAL A 79 -23.36 -12.27 12.50
N ASP A 80 -22.45 -12.72 13.34
CA ASP A 80 -21.72 -11.80 14.19
C ASP A 80 -20.48 -11.43 13.38
N LEU A 81 -20.50 -10.25 12.76
CA LEU A 81 -19.41 -9.88 11.84
C LEU A 81 -18.06 -9.78 12.55
N ASP A 82 -18.02 -9.60 13.86
CA ASP A 82 -16.70 -9.48 14.43
C ASP A 82 -16.06 -10.82 14.79
N ASN A 83 -16.71 -11.93 14.45
CA ASN A 83 -16.02 -13.22 14.36
C ASN A 83 -15.52 -13.51 12.96
N VAL A 84 -15.96 -12.73 11.98
CA VAL A 84 -15.67 -13.00 10.59
C VAL A 84 -14.75 -11.94 10.00
N LEU A 85 -14.84 -10.67 10.43
CA LEU A 85 -14.07 -9.62 9.80
C LEU A 85 -13.00 -9.08 10.75
N PRO A 86 -11.80 -8.80 10.23
CA PRO A 86 -10.83 -8.00 10.98
C PRO A 86 -11.46 -6.68 11.38
N GLU A 87 -10.89 -6.04 12.42
CA GLU A 87 -11.53 -4.85 12.95
C GLU A 87 -11.55 -3.72 11.91
N TRP A 88 -10.43 -3.54 11.21
CA TRP A 88 -10.28 -2.61 10.11
C TRP A 88 -10.44 -3.36 8.79
N VAL A 89 -11.09 -2.67 7.85
CA VAL A 89 -11.58 -3.25 6.61
C VAL A 89 -11.64 -2.15 5.56
N ARG A 90 -11.76 -2.55 4.30
CA ARG A 90 -12.14 -1.63 3.25
C ARG A 90 -13.48 -2.12 2.71
N VAL A 91 -14.25 -1.15 2.25
CA VAL A 91 -15.58 -1.42 1.71
C VAL A 91 -15.48 -1.12 0.23
N GLY A 92 -16.25 -1.85 -0.58
CA GLY A 92 -16.20 -1.63 -2.01
C GLY A 92 -17.38 -2.24 -2.73
N LEU A 93 -17.42 -1.96 -4.04
CA LEU A 93 -18.33 -2.56 -5.01
C LEU A 93 -17.55 -3.43 -6.02
N SER A 94 -18.22 -4.48 -6.52
CA SER A 94 -17.61 -5.41 -7.46
C SER A 94 -18.63 -5.87 -8.49
N ALA A 95 -18.14 -6.20 -9.68
CA ALA A 95 -18.98 -6.80 -10.70
C ALA A 95 -18.11 -7.64 -11.62
N SER A 96 -18.76 -8.50 -12.40
CA SER A 96 -18.07 -9.39 -13.32
C SER A 96 -19.05 -9.85 -14.41
N THR A 97 -18.48 -10.44 -15.45
CA THR A 97 -19.20 -11.09 -16.55
C THR A 97 -18.41 -12.33 -16.98
N GLY A 98 -19.13 -13.32 -17.49
CA GLY A 98 -18.51 -14.52 -18.04
C GLY A 98 -18.76 -14.65 -19.53
N LEU A 99 -19.17 -15.85 -19.97
CA LEU A 99 -19.54 -16.05 -21.36
C LEU A 99 -20.61 -15.06 -21.78
N TYR A 100 -21.66 -14.93 -20.96
CA TYR A 100 -22.68 -13.91 -21.07
C TYR A 100 -22.30 -12.73 -20.18
N LYS A 101 -22.94 -11.60 -20.43
CA LYS A 101 -22.41 -10.28 -20.07
C LYS A 101 -23.55 -9.30 -19.80
N GLU A 102 -23.16 -8.14 -19.29
CA GLU A 102 -24.10 -7.09 -18.93
C GLU A 102 -23.27 -5.83 -18.64
N THR A 103 -23.88 -4.67 -18.84
CA THR A 103 -23.30 -3.46 -18.27
C THR A 103 -23.51 -3.45 -16.76
N ASN A 104 -22.43 -3.21 -16.02
CA ASN A 104 -22.47 -3.20 -14.55
C ASN A 104 -22.21 -1.79 -14.04
N THR A 105 -23.19 -0.92 -14.23
CA THR A 105 -23.05 0.52 -14.01
C THR A 105 -23.50 0.91 -12.59
N ILE A 106 -22.68 1.73 -11.92
CA ILE A 106 -23.04 2.32 -10.63
C ILE A 106 -23.23 3.83 -10.82
N LEU A 107 -24.40 4.31 -10.44
CA LEU A 107 -24.75 5.72 -10.58
C LEU A 107 -24.60 6.51 -9.28
N SER A 108 -24.77 5.87 -8.12
CA SER A 108 -24.52 6.57 -6.87
C SER A 108 -24.09 5.56 -5.82
N TRP A 109 -23.33 6.03 -4.82
CA TRP A 109 -22.86 5.15 -3.75
C TRP A 109 -22.70 5.91 -2.43
N SER A 110 -23.33 5.41 -1.37
CA SER A 110 -23.17 6.04 -0.06
C SER A 110 -22.95 4.96 0.99
N PHE A 111 -22.26 5.36 2.05
CA PHE A 111 -21.91 4.41 3.11
C PHE A 111 -21.78 5.21 4.37
N THR A 112 -22.32 4.67 5.48
CA THR A 112 -22.25 5.27 6.82
C THR A 112 -21.86 4.23 7.84
N SER A 113 -20.89 4.56 8.71
CA SER A 113 -20.33 3.60 9.67
C SER A 113 -20.14 4.30 11.01
N LYS A 114 -20.67 3.70 12.08
CA LYS A 114 -20.75 4.36 13.38
C LYS A 114 -20.25 3.45 14.50
N LEU A 115 -19.40 4.01 15.36
CA LEU A 115 -18.81 3.30 16.51
C LEU A 115 -18.93 4.14 17.78
N LYS A 116 -19.80 3.72 18.71
CA LYS A 116 -19.88 4.33 20.04
C LYS A 116 -19.19 3.42 21.05
N SER A 117 -18.22 3.96 21.79
CA SER A 117 -17.39 3.12 22.64
C SER A 117 -17.91 3.09 24.08
N ASN A 118 -17.49 2.06 24.81
CA ASN A 118 -17.96 1.79 26.17
C ASN A 118 -17.11 2.48 27.22
N SER A 119 -15.83 2.76 26.92
CA SER A 119 -14.99 3.44 27.89
C SER A 119 -15.41 4.89 28.08
N THR A 120 -16.00 5.53 27.06
CA THR A 120 -16.32 6.96 27.12
C THR A 120 -17.76 7.32 26.69
N HIS A 121 -18.49 6.42 26.02
CA HIS A 121 -19.82 6.71 25.45
C HIS A 121 -19.76 7.85 24.43
N GLU A 122 -18.74 7.82 23.57
CA GLU A 122 -18.46 8.92 22.66
C GLU A 122 -18.06 8.37 21.30
N THR A 123 -18.68 8.91 20.26
CA THR A 123 -18.91 8.21 18.99
C THR A 123 -17.91 8.60 17.90
N ASN A 124 -17.41 7.58 17.17
CA ASN A 124 -16.62 7.74 15.95
C ASN A 124 -17.49 7.38 14.74
N ALA A 125 -17.31 8.12 13.62
CA ALA A 125 -18.18 7.92 12.47
C ALA A 125 -17.45 8.25 11.17
N LEU A 126 -17.83 7.54 10.11
CA LEU A 126 -17.39 7.76 8.73
C LEU A 126 -18.61 7.80 7.82
N HIS A 127 -18.65 8.79 6.93
CA HIS A 127 -19.72 8.86 5.93
C HIS A 127 -19.12 9.40 4.65
N PHE A 128 -19.52 8.81 3.53
CA PHE A 128 -19.11 9.31 2.23
C PHE A 128 -20.24 9.08 1.26
N MET A 129 -20.34 9.94 0.26
CA MET A 129 -21.50 9.87 -0.64
C MET A 129 -21.06 10.24 -2.03
N PHE A 130 -21.19 9.31 -2.94
CA PHE A 130 -20.86 9.53 -4.33
C PHE A 130 -22.17 9.61 -5.08
N ASN A 131 -22.52 10.79 -5.57
CA ASN A 131 -23.63 10.89 -6.50
C ASN A 131 -23.16 10.94 -7.96
N GLN A 132 -21.90 11.26 -8.14
CA GLN A 132 -21.31 11.26 -9.49
C GLN A 132 -19.83 10.98 -9.32
N PHE A 133 -19.26 10.20 -10.23
CA PHE A 133 -17.83 9.84 -10.18
C PHE A 133 -17.09 10.52 -11.33
N SER A 134 -15.98 11.16 -11.01
CA SER A 134 -15.18 11.94 -11.99
C SER A 134 -14.07 11.11 -12.65
N LYS A 135 -13.39 11.72 -13.61
CA LYS A 135 -12.28 11.10 -14.36
C LYS A 135 -11.15 10.69 -13.40
N ASP A 136 -10.85 11.46 -12.36
CA ASP A 136 -9.78 10.96 -11.48
C ASP A 136 -10.26 10.96 -10.03
N GLN A 137 -11.12 10.00 -9.68
CA GLN A 137 -11.72 9.96 -8.33
C GLN A 137 -10.64 9.46 -7.37
N LYS A 138 -9.98 10.40 -6.68
CA LYS A 138 -8.83 10.12 -5.79
C LYS A 138 -9.23 9.42 -4.49
N ASP A 139 -10.49 9.39 -4.13
CA ASP A 139 -10.89 8.68 -2.89
C ASP A 139 -11.38 7.28 -3.25
N LEU A 140 -11.21 6.87 -4.49
CA LEU A 140 -11.60 5.52 -4.91
C LEU A 140 -10.37 4.76 -5.36
N ILE A 141 -10.34 3.48 -5.04
CA ILE A 141 -9.28 2.56 -5.54
C ILE A 141 -9.99 1.73 -6.61
N LEU A 142 -9.57 1.87 -7.86
CA LEU A 142 -10.17 1.16 -8.98
C LEU A 142 -9.31 -0.05 -9.32
N GLN A 143 -9.91 -1.24 -9.32
CA GLN A 143 -9.20 -2.48 -9.63
C GLN A 143 -9.80 -3.14 -10.88
N GLY A 144 -8.99 -3.94 -11.57
CA GLY A 144 -9.50 -4.62 -12.76
C GLY A 144 -9.86 -3.63 -13.85
N ASP A 145 -11.09 -3.72 -14.34
CA ASP A 145 -11.56 -2.94 -15.49
C ASP A 145 -12.46 -1.80 -15.09
N ALA A 146 -12.46 -1.40 -13.83
CA ALA A 146 -13.37 -0.36 -13.37
C ALA A 146 -12.84 1.00 -13.81
N THR A 147 -13.73 1.82 -14.36
CA THR A 147 -13.40 3.18 -14.75
C THR A 147 -14.48 4.12 -14.26
N THR A 148 -14.10 5.37 -14.03
CA THR A 148 -15.03 6.44 -13.69
C THR A 148 -14.93 7.57 -14.70
N GLY A 149 -15.99 8.35 -14.79
CA GLY A 149 -15.99 9.55 -15.61
C GLY A 149 -17.05 9.57 -16.69
N THR A 150 -17.21 8.42 -17.35
CA THR A 150 -18.17 8.30 -18.44
C THR A 150 -19.59 8.42 -17.88
N ASP A 151 -20.30 9.47 -18.32
CA ASP A 151 -21.64 9.84 -17.86
C ASP A 151 -21.69 10.24 -16.39
N GLY A 152 -20.54 10.45 -15.76
CA GLY A 152 -20.54 10.62 -14.32
C GLY A 152 -20.82 9.36 -13.51
N ASN A 153 -20.98 8.21 -14.17
CA ASN A 153 -21.19 6.92 -13.55
C ASN A 153 -19.89 6.20 -13.32
N LEU A 154 -19.97 5.11 -12.54
CA LEU A 154 -18.89 4.15 -12.34
C LEU A 154 -19.22 2.87 -13.10
N GLU A 155 -18.35 2.47 -14.03
CA GLU A 155 -18.51 1.23 -14.80
C GLU A 155 -17.58 0.20 -14.20
N LEU A 156 -18.16 -0.80 -13.54
CA LEU A 156 -17.35 -1.80 -12.86
C LEU A 156 -16.64 -2.71 -13.86
N THR A 157 -17.29 -3.01 -14.98
CA THR A 157 -16.73 -3.88 -16.00
C THR A 157 -16.74 -3.18 -17.36
N ARG A 158 -15.90 -3.69 -18.27
CA ARG A 158 -15.68 -3.07 -19.57
C ARG A 158 -16.99 -2.88 -20.34
N VAL A 159 -17.18 -1.66 -20.83
CA VAL A 159 -18.18 -1.31 -21.82
C VAL A 159 -17.45 -0.74 -23.03
N SER A 160 -17.84 -1.16 -24.23
CA SER A 160 -17.27 -0.55 -25.42
C SER A 160 -17.88 0.83 -25.66
N SER A 161 -17.32 1.51 -26.67
CA SER A 161 -17.83 2.84 -27.05
C SER A 161 -19.32 2.78 -27.36
N ASN A 162 -19.75 1.70 -28.02
CA ASN A 162 -21.15 1.51 -28.38
C ASN A 162 -22.05 1.45 -27.15
N GLY A 163 -21.48 1.26 -25.97
CA GLY A 163 -22.25 0.82 -24.85
C GLY A 163 -22.35 -0.69 -24.77
N SER A 164 -21.65 -1.42 -25.62
CA SER A 164 -21.77 -2.87 -25.64
C SER A 164 -20.97 -3.47 -24.50
N PRO A 165 -21.58 -4.30 -23.66
CA PRO A 165 -20.83 -4.93 -22.57
C PRO A 165 -19.86 -5.95 -23.14
N GLN A 166 -18.92 -6.37 -22.30
CA GLN A 166 -17.71 -7.07 -22.72
C GLN A 166 -17.51 -8.27 -21.81
N GLY A 167 -17.37 -9.44 -22.40
CA GLY A 167 -17.30 -10.65 -21.62
C GLY A 167 -16.00 -10.77 -20.87
N SER A 168 -15.95 -11.77 -20.00
CA SER A 168 -14.82 -12.05 -19.12
C SER A 168 -14.20 -10.77 -18.57
N SER A 169 -15.05 -9.99 -17.93
CA SER A 169 -14.65 -8.74 -17.30
C SER A 169 -14.82 -8.85 -15.78
N VAL A 170 -13.98 -8.14 -15.04
CA VAL A 170 -14.15 -8.02 -13.60
C VAL A 170 -13.55 -6.69 -13.16
N GLY A 171 -14.21 -6.04 -12.20
CA GLY A 171 -13.74 -4.76 -11.71
C GLY A 171 -14.28 -4.45 -10.35
N ARG A 172 -13.53 -3.67 -9.59
CA ARG A 172 -13.89 -3.33 -8.23
C ARG A 172 -13.53 -1.88 -7.97
N ALA A 173 -14.34 -1.21 -7.17
CA ALA A 173 -14.02 0.10 -6.65
C ALA A 173 -14.09 0.01 -5.14
N LEU A 174 -12.99 0.34 -4.45
CA LEU A 174 -12.96 0.39 -2.99
C LEU A 174 -12.74 1.82 -2.51
N PHE A 175 -13.35 2.17 -1.38
CA PHE A 175 -13.13 3.48 -0.81
C PHE A 175 -11.70 3.57 -0.27
N TYR A 176 -11.06 4.70 -0.49
CA TYR A 176 -9.64 4.82 -0.15
C TYR A 176 -9.38 4.59 1.34
N ALA A 177 -10.10 5.26 2.19
CA ALA A 177 -9.78 5.24 3.61
C ALA A 177 -10.27 3.95 4.24
N PRO A 178 -9.43 3.26 5.01
CA PRO A 178 -9.92 2.07 5.76
C PRO A 178 -10.94 2.47 6.82
N VAL A 179 -11.75 1.49 7.21
CA VAL A 179 -12.96 1.68 8.03
C VAL A 179 -12.88 0.80 9.27
N HIS A 180 -13.09 1.40 10.42
CA HIS A 180 -13.18 0.65 11.67
C HIS A 180 -14.57 0.04 11.75
N ILE A 181 -14.70 -1.26 11.45
CA ILE A 181 -16.05 -1.84 11.30
C ILE A 181 -16.58 -2.50 12.58
N TRP A 182 -15.71 -2.89 13.52
CA TRP A 182 -16.14 -3.29 14.85
C TRP A 182 -15.02 -2.96 15.85
N GLU A 183 -15.35 -3.06 17.13
CA GLU A 183 -14.36 -2.84 18.19
C GLU A 183 -14.89 -3.45 19.48
N SER A 184 -14.11 -4.34 20.09
CA SER A 184 -14.59 -5.18 21.19
C SER A 184 -15.19 -4.38 22.33
N SER A 185 -14.83 -3.10 22.47
CA SER A 185 -15.24 -2.27 23.60
C SER A 185 -16.21 -1.17 23.20
N ALA A 186 -17.04 -1.40 22.18
CA ALA A 186 -18.05 -0.45 21.76
C ALA A 186 -19.42 -0.93 22.21
N VAL A 187 -20.29 0.01 22.63
CA VAL A 187 -21.61 -0.43 23.09
C VAL A 187 -22.49 -0.79 21.91
N VAL A 188 -22.40 -0.03 20.83
CA VAL A 188 -23.24 -0.23 19.65
C VAL A 188 -22.43 0.23 18.43
N ALA A 189 -22.54 -0.54 17.36
CA ALA A 189 -21.78 -0.33 16.13
C ALA A 189 -22.68 -0.73 14.98
N SER A 190 -22.57 -0.02 13.87
CA SER A 190 -23.51 -0.25 12.79
C SER A 190 -22.98 0.41 11.53
N PHE A 191 -23.42 -0.10 10.40
CA PHE A 191 -23.07 0.49 9.12
C PHE A 191 -24.24 0.35 8.16
N GLU A 192 -24.23 1.20 7.14
CA GLU A 192 -25.34 1.36 6.23
C GLU A 192 -24.66 1.47 4.87
N ALA A 193 -25.20 0.82 3.85
CA ALA A 193 -24.65 1.10 2.54
C ALA A 193 -25.79 1.15 1.54
N THR A 194 -25.70 2.10 0.60
CA THR A 194 -26.73 2.34 -0.42
C THR A 194 -26.03 2.60 -1.76
N PHE A 195 -26.60 2.09 -2.86
CA PHE A 195 -26.10 2.41 -4.19
C PHE A 195 -27.18 2.15 -5.24
N THR A 196 -27.06 2.87 -6.37
CA THR A 196 -27.99 2.71 -7.47
C THR A 196 -27.23 2.20 -8.68
N PHE A 197 -27.80 1.19 -9.34
CA PHE A 197 -27.12 0.45 -10.38
C PHE A 197 -28.03 0.37 -11.60
N LEU A 198 -27.40 0.13 -12.75
CA LEU A 198 -28.12 -0.14 -13.99
C LEU A 198 -27.49 -1.34 -14.67
N ILE A 199 -28.25 -2.42 -14.83
CA ILE A 199 -27.77 -3.67 -15.40
C ILE A 199 -28.50 -3.87 -16.73
N LYS A 200 -27.81 -3.55 -17.82
CA LYS A 200 -28.35 -3.59 -19.16
C LYS A 200 -27.64 -4.68 -19.94
N SER A 201 -28.42 -5.59 -20.53
CA SER A 201 -27.87 -6.67 -21.35
C SER A 201 -28.38 -6.55 -22.79
N PRO A 202 -27.59 -6.99 -23.79
CA PRO A 202 -28.16 -7.29 -25.10
C PRO A 202 -28.64 -8.74 -25.19
N ASP A 203 -27.92 -9.66 -24.54
CA ASP A 203 -28.28 -11.06 -24.50
C ASP A 203 -29.64 -11.25 -23.82
N SER A 204 -30.25 -12.41 -24.08
CA SER A 204 -31.38 -12.81 -23.25
C SER A 204 -30.91 -13.17 -21.85
N HIS A 205 -29.66 -13.58 -21.72
CA HIS A 205 -29.09 -13.95 -20.43
C HIS A 205 -28.09 -12.90 -19.98
N PRO A 206 -28.41 -12.10 -18.96
CA PRO A 206 -27.37 -11.32 -18.30
C PRO A 206 -26.49 -12.17 -17.39
N ALA A 207 -25.25 -11.73 -17.22
CA ALA A 207 -24.34 -12.37 -16.26
C ALA A 207 -23.19 -11.41 -15.95
N ASP A 208 -22.55 -11.54 -14.77
CA ASP A 208 -22.99 -12.38 -13.65
C ASP A 208 -23.54 -11.62 -12.45
N GLY A 209 -23.16 -10.36 -12.27
CA GLY A 209 -23.85 -9.51 -11.33
C GLY A 209 -22.91 -8.57 -10.62
N ILE A 210 -23.47 -7.86 -9.64
CA ILE A 210 -22.81 -6.83 -8.85
C ILE A 210 -22.84 -7.22 -7.38
N ALA A 211 -21.87 -6.74 -6.61
CA ALA A 211 -21.76 -7.04 -5.18
C ALA A 211 -21.20 -5.86 -4.40
N PHE A 212 -21.82 -5.58 -3.25
CA PHE A 212 -21.22 -4.73 -2.23
C PHE A 212 -20.44 -5.66 -1.31
N PHE A 213 -19.18 -5.32 -1.01
CA PHE A 213 -18.39 -6.21 -0.17
C PHE A 213 -17.55 -5.40 0.82
N ILE A 214 -17.07 -6.11 1.84
CA ILE A 214 -16.16 -5.62 2.85
C ILE A 214 -15.06 -6.65 3.00
N SER A 215 -13.81 -6.21 3.01
CA SER A 215 -12.66 -7.12 3.03
C SER A 215 -11.58 -6.56 3.94
N ASN A 216 -10.58 -7.40 4.22
CA ASN A 216 -9.28 -6.90 4.60
C ASN A 216 -8.87 -5.73 3.72
N ILE A 217 -8.15 -4.77 4.31
CA ILE A 217 -7.88 -3.47 3.68
C ILE A 217 -7.03 -3.63 2.42
N ASP A 218 -6.24 -4.70 2.32
CA ASP A 218 -5.30 -4.90 1.23
C ASP A 218 -5.82 -5.83 0.16
N SER A 219 -7.12 -6.13 0.18
CA SER A 219 -7.75 -7.04 -0.77
C SER A 219 -7.46 -6.66 -2.22
N SER A 220 -7.28 -7.68 -3.05
CA SER A 220 -7.20 -7.49 -4.50
C SER A 220 -8.02 -8.57 -5.18
N ILE A 221 -8.32 -8.34 -6.46
CA ILE A 221 -9.11 -9.31 -7.21
C ILE A 221 -8.43 -10.68 -7.15
N PRO A 222 -9.12 -11.74 -6.77
CA PRO A 222 -8.53 -13.06 -6.87
C PRO A 222 -8.26 -13.40 -8.33
N SER A 223 -7.25 -14.26 -8.54
CA SER A 223 -6.89 -14.71 -9.87
C SER A 223 -8.05 -15.48 -10.49
N GLY A 224 -8.29 -15.24 -11.77
CA GLY A 224 -9.30 -15.98 -12.51
C GLY A 224 -10.69 -15.89 -11.94
N SER A 225 -10.96 -14.85 -11.16
CA SER A 225 -12.25 -14.67 -10.52
C SER A 225 -13.24 -13.85 -11.34
N THR A 226 -13.21 -13.96 -12.67
CA THR A 226 -14.33 -13.43 -13.44
C THR A 226 -15.51 -14.41 -13.36
N GLY A 227 -16.54 -14.19 -14.18
CA GLY A 227 -17.67 -15.11 -14.20
C GLY A 227 -18.39 -15.19 -12.86
N ARG A 228 -18.84 -16.40 -12.52
CA ARG A 228 -19.64 -16.64 -11.33
C ARG A 228 -18.95 -16.22 -10.02
N LEU A 229 -17.64 -16.00 -10.03
CA LEU A 229 -16.93 -15.68 -8.79
C LEU A 229 -16.89 -14.18 -8.48
N LEU A 230 -17.42 -13.35 -9.38
CA LEU A 230 -17.87 -11.98 -9.13
C LEU A 230 -16.77 -11.01 -8.70
N GLY A 231 -15.50 -11.39 -8.81
CA GLY A 231 -14.43 -10.54 -8.35
C GLY A 231 -14.09 -10.67 -6.89
N LEU A 232 -14.74 -11.58 -6.17
CA LEU A 232 -14.62 -11.69 -4.72
C LEU A 232 -13.90 -12.93 -4.24
N PHE A 233 -14.10 -14.08 -4.89
CA PHE A 233 -13.60 -15.33 -4.36
C PHE A 233 -12.68 -16.03 -5.35
N PRO A 234 -11.66 -16.76 -4.84
CA PRO A 234 -10.69 -17.40 -5.75
C PRO A 234 -11.23 -18.68 -6.36
N ASP A 235 -12.01 -19.43 -5.60
CA ASP A 235 -12.65 -20.66 -6.03
C ASP A 235 -14.09 -20.68 -5.51
N ALA A 236 -14.86 -21.69 -5.89
CA ALA A 236 -16.29 -21.70 -5.59
C ALA A 236 -16.66 -22.71 -4.52
N ASN A 237 -15.76 -22.95 -3.57
CA ASN A 237 -16.09 -23.75 -2.39
C ASN A 237 -17.05 -22.99 -1.45
N ALA B 1 3.44 15.25 -6.05
CA ALA B 1 4.55 15.13 -6.99
C ALA B 1 5.59 14.12 -6.49
N ASP B 2 5.83 13.05 -7.26
CA ASP B 2 6.85 12.08 -6.88
C ASP B 2 8.25 12.68 -7.02
N THR B 3 9.24 11.93 -6.53
CA THR B 3 10.64 12.19 -6.80
C THR B 3 11.11 11.16 -7.81
N ILE B 4 11.24 11.56 -9.07
CA ILE B 4 11.68 10.68 -10.14
C ILE B 4 13.14 10.99 -10.46
N VAL B 5 13.92 9.93 -10.62
CA VAL B 5 15.21 9.95 -11.32
C VAL B 5 15.07 8.95 -12.45
N ALA B 6 15.40 9.37 -13.66
CA ALA B 6 15.07 8.48 -14.78
C ALA B 6 16.11 8.57 -15.88
N VAL B 7 16.10 7.54 -16.73
CA VAL B 7 16.85 7.51 -17.96
C VAL B 7 15.83 7.23 -19.03
N GLU B 8 15.64 8.17 -19.93
CA GLU B 8 14.59 8.12 -20.93
C GLU B 8 15.12 7.63 -22.27
N LEU B 9 14.31 6.83 -22.93
CA LEU B 9 14.49 6.57 -24.35
C LEU B 9 13.42 7.42 -25.03
N ASP B 10 13.83 8.54 -25.62
CA ASP B 10 12.93 9.57 -26.16
C ASP B 10 12.90 9.42 -27.68
N THR B 11 11.87 8.79 -28.22
CA THR B 11 11.81 8.54 -29.66
C THR B 11 11.10 9.64 -30.43
N TYR B 12 10.78 10.78 -29.77
CA TYR B 12 10.01 11.87 -30.35
C TYR B 12 10.49 13.21 -29.80
N PRO B 13 11.08 14.06 -30.65
CA PRO B 13 11.61 15.35 -30.15
C PRO B 13 10.48 16.34 -29.87
N ASN B 14 10.35 16.72 -28.59
CA ASN B 14 9.49 17.82 -28.18
C ASN B 14 10.41 19.02 -27.95
N THR B 15 10.84 19.63 -29.08
CA THR B 15 11.81 20.73 -29.12
C THR B 15 11.34 21.95 -28.34
N ASP B 16 10.07 21.98 -28.01
CA ASP B 16 9.40 23.11 -27.41
C ASP B 16 9.35 23.01 -25.89
N ILE B 17 9.52 21.81 -25.35
CA ILE B 17 9.87 21.58 -23.96
C ILE B 17 11.35 21.20 -23.80
N GLY B 18 12.13 21.26 -24.88
CA GLY B 18 13.57 21.33 -24.77
C GLY B 18 14.31 20.15 -25.31
N ASP B 19 13.61 19.24 -25.93
CA ASP B 19 14.33 18.08 -26.48
C ASP B 19 15.08 18.56 -27.72
N PRO B 20 16.15 17.90 -28.14
CA PRO B 20 16.83 18.26 -29.35
C PRO B 20 16.08 17.83 -30.62
N SER B 21 16.67 18.09 -31.77
CA SER B 21 16.06 17.86 -33.11
C SER B 21 15.88 16.38 -33.49
N TYR B 22 16.44 15.44 -32.74
CA TYR B 22 16.45 14.00 -33.10
C TYR B 22 16.07 13.15 -31.90
N PRO B 23 15.68 11.87 -32.11
CA PRO B 23 15.27 10.98 -31.03
C PRO B 23 16.49 10.78 -30.15
N HIS B 24 16.32 10.78 -28.84
CA HIS B 24 17.53 10.76 -28.02
C HIS B 24 17.34 10.01 -26.70
N ILE B 25 18.45 9.70 -26.05
CA ILE B 25 18.45 9.22 -24.69
C ILE B 25 18.90 10.38 -23.82
N GLY B 26 18.48 10.36 -22.55
CA GLY B 26 18.90 11.41 -21.63
C GLY B 26 18.64 11.01 -20.19
N ILE B 27 19.29 11.72 -19.28
CA ILE B 27 19.16 11.52 -17.85
C ILE B 27 18.27 12.61 -17.26
N ASP B 28 17.23 12.20 -16.54
CA ASP B 28 16.27 13.11 -15.93
C ASP B 28 16.41 13.10 -14.42
N ILE B 29 16.88 14.20 -13.84
CA ILE B 29 16.87 14.42 -12.40
C ILE B 29 15.69 15.31 -12.06
N LYS B 30 14.63 14.70 -11.53
CA LYS B 30 13.42 15.36 -11.04
C LYS B 30 12.81 16.31 -12.07
N SER B 31 13.10 16.13 -13.36
CA SER B 31 12.49 16.97 -14.38
C SER B 31 12.65 16.30 -15.73
N VAL B 32 11.60 16.35 -16.57
CA VAL B 32 11.62 15.75 -17.90
C VAL B 32 12.53 16.49 -18.86
N ARG B 33 12.99 17.70 -18.50
CA ARG B 33 14.02 18.39 -19.26
C ARG B 33 15.37 17.80 -18.84
N SER B 34 15.89 16.89 -19.67
CA SER B 34 17.06 16.09 -19.32
C SER B 34 18.26 16.95 -18.92
N LYS B 35 18.87 16.61 -17.77
CA LYS B 35 20.11 17.27 -17.38
C LYS B 35 21.23 16.99 -18.36
N LYS B 36 21.11 15.92 -19.17
CA LYS B 36 22.15 15.59 -20.15
C LYS B 36 21.58 14.60 -21.15
N THR B 37 21.76 14.83 -22.45
CA THR B 37 21.25 13.90 -23.47
C THR B 37 22.35 13.51 -24.46
N ALA B 38 21.98 12.64 -25.39
CA ALA B 38 22.83 12.17 -26.48
C ALA B 38 21.91 11.62 -27.57
N LYS B 39 22.34 11.76 -28.82
CA LYS B 39 21.52 11.35 -29.95
C LYS B 39 21.50 9.82 -30.05
N TRP B 40 20.41 9.27 -30.59
CA TRP B 40 20.23 7.83 -30.47
C TRP B 40 19.42 7.33 -31.67
N ASN B 41 20.13 6.71 -32.61
CA ASN B 41 19.52 6.29 -33.87
C ASN B 41 18.68 5.06 -33.61
N MET B 42 17.44 5.29 -33.13
CA MET B 42 16.51 4.18 -32.91
C MET B 42 16.27 3.41 -34.19
N GLN B 43 16.50 2.10 -34.15
CA GLN B 43 16.20 1.23 -35.28
C GLN B 43 14.79 0.67 -35.11
N ASN B 44 13.86 1.18 -35.92
CA ASN B 44 12.46 0.77 -35.82
C ASN B 44 12.29 -0.73 -36.07
N GLY B 45 11.59 -1.39 -35.15
CA GLY B 45 11.23 -2.80 -35.28
C GLY B 45 12.23 -3.77 -34.71
N LYS B 46 13.22 -3.28 -33.96
CA LYS B 46 14.48 -3.96 -33.75
C LYS B 46 14.81 -4.04 -32.27
N VAL B 47 15.40 -5.17 -31.86
CA VAL B 47 15.63 -5.43 -30.43
C VAL B 47 16.90 -4.72 -29.98
N GLY B 48 16.73 -3.76 -29.08
CA GLY B 48 17.83 -3.04 -28.50
C GLY B 48 18.01 -3.35 -27.01
N THR B 49 19.11 -2.82 -26.47
CA THR B 49 19.51 -3.08 -25.09
C THR B 49 19.91 -1.76 -24.42
N ALA B 50 19.38 -1.55 -23.22
CA ALA B 50 19.78 -0.46 -22.36
C ALA B 50 20.51 -1.01 -21.14
N HIS B 51 21.72 -0.50 -20.88
CA HIS B 51 22.44 -0.74 -19.63
C HIS B 51 22.60 0.57 -18.89
N ILE B 52 22.10 0.63 -17.63
CA ILE B 52 22.25 1.77 -16.70
C ILE B 52 23.11 1.33 -15.52
N ILE B 53 24.06 2.18 -15.10
CA ILE B 53 24.87 1.90 -13.90
C ILE B 53 25.11 3.18 -13.11
N TYR B 54 25.38 3.00 -11.81
CA TYR B 54 25.66 4.09 -10.89
C TYR B 54 26.39 3.52 -9.69
N ASN B 55 27.32 4.29 -9.12
CA ASN B 55 28.02 3.84 -7.94
C ASN B 55 28.38 5.04 -7.08
N SER B 56 28.43 4.81 -5.78
CA SER B 56 28.57 5.91 -4.82
C SER B 56 29.98 6.46 -4.74
N VAL B 57 30.98 5.76 -5.28
CA VAL B 57 32.32 6.31 -5.34
C VAL B 57 32.38 7.43 -6.37
N ASP B 58 32.00 7.11 -7.63
CA ASP B 58 32.01 8.07 -8.72
C ASP B 58 30.88 9.07 -8.64
N LYS B 59 29.76 8.67 -8.05
CA LYS B 59 28.54 9.47 -8.06
C LYS B 59 28.19 9.91 -9.49
N ARG B 60 28.40 8.99 -10.43
CA ARG B 60 28.13 9.23 -11.84
C ARG B 60 27.09 8.24 -12.33
N LEU B 61 25.93 8.75 -12.73
CA LEU B 61 24.89 7.94 -13.35
C LEU B 61 25.17 7.85 -14.84
N SER B 62 25.35 6.62 -15.34
CA SER B 62 25.77 6.39 -16.72
C SER B 62 24.81 5.44 -17.41
N ALA B 63 24.77 5.51 -18.73
CA ALA B 63 23.86 4.66 -19.48
C ALA B 63 24.37 4.49 -20.91
N VAL B 64 24.17 3.29 -21.44
CA VAL B 64 24.55 2.91 -22.80
C VAL B 64 23.33 2.29 -23.43
N VAL B 65 23.03 2.68 -24.66
CA VAL B 65 21.93 2.06 -25.40
C VAL B 65 22.47 1.68 -26.76
N SER B 66 22.16 0.46 -27.20
CA SER B 66 22.85 -0.11 -28.33
C SER B 66 21.93 -1.08 -29.07
N TYR B 67 22.19 -1.20 -30.37
CA TYR B 67 21.59 -2.19 -31.21
C TYR B 67 22.69 -3.15 -31.71
N PRO B 68 22.33 -4.39 -32.05
CA PRO B 68 23.33 -5.29 -32.61
C PRO B 68 23.89 -4.75 -33.92
N ASN B 69 25.22 -4.71 -34.01
CA ASN B 69 25.93 -4.13 -35.16
C ASN B 69 25.45 -2.73 -35.44
N ALA B 70 25.66 -1.87 -34.46
CA ALA B 70 25.45 -0.45 -34.60
C ALA B 70 26.25 0.23 -33.51
N ASP B 71 26.81 1.39 -33.83
CA ASP B 71 27.41 2.22 -32.80
C ASP B 71 26.43 2.45 -31.67
N SER B 72 26.94 2.46 -30.45
CA SER B 72 26.08 2.65 -29.30
C SER B 72 25.93 4.13 -28.99
N ALA B 73 24.94 4.45 -28.15
CA ALA B 73 24.71 5.81 -27.68
C ALA B 73 24.84 5.80 -26.18
N THR B 74 25.64 6.71 -25.65
CA THR B 74 25.98 6.74 -24.24
C THR B 74 25.81 8.15 -23.70
N VAL B 75 25.49 8.24 -22.41
CA VAL B 75 25.23 9.53 -21.80
C VAL B 75 25.46 9.36 -20.31
N SER B 76 26.06 10.37 -19.69
CA SER B 76 26.47 10.25 -18.30
C SER B 76 26.34 11.61 -17.62
N TYR B 77 26.06 11.56 -16.32
CA TYR B 77 25.78 12.77 -15.57
C TYR B 77 26.19 12.57 -14.12
N ASP B 78 27.04 13.47 -13.61
CA ASP B 78 27.48 13.42 -12.22
C ASP B 78 26.40 14.02 -11.32
N VAL B 79 25.91 13.21 -10.39
CA VAL B 79 24.81 13.57 -9.49
C VAL B 79 24.95 12.75 -8.23
N ASP B 80 24.92 13.43 -7.08
CA ASP B 80 24.92 12.76 -5.79
C ASP B 80 23.49 12.30 -5.48
N LEU B 81 23.18 11.03 -5.77
CA LEU B 81 21.81 10.57 -5.71
C LEU B 81 21.23 10.59 -4.29
N ASP B 82 22.08 10.52 -3.28
CA ASP B 82 21.57 10.45 -1.92
C ASP B 82 21.08 11.79 -1.38
N ASN B 83 21.25 12.87 -2.16
CA ASN B 83 20.63 14.16 -1.88
C ASN B 83 19.38 14.40 -2.71
N VAL B 84 18.98 13.40 -3.52
CA VAL B 84 17.88 13.51 -4.45
C VAL B 84 16.77 12.50 -4.13
N LEU B 85 17.14 11.22 -4.04
CA LEU B 85 16.20 10.13 -3.83
C LEU B 85 16.04 9.86 -2.35
N PRO B 86 14.78 9.55 -1.93
CA PRO B 86 14.55 9.05 -0.57
C PRO B 86 15.41 7.83 -0.33
N GLU B 87 15.53 7.39 0.92
CA GLU B 87 16.66 6.52 1.22
C GLU B 87 16.35 5.16 0.59
N TRP B 88 15.08 4.73 0.73
CA TRP B 88 14.41 3.62 0.05
C TRP B 88 13.59 4.13 -1.15
N VAL B 89 13.53 3.31 -2.20
CA VAL B 89 12.91 3.66 -3.48
C VAL B 89 12.19 2.43 -4.01
N ARG B 90 11.55 2.61 -5.17
CA ARG B 90 11.16 1.50 -6.03
C ARG B 90 11.70 1.79 -7.43
N VAL B 91 12.06 0.73 -8.15
CA VAL B 91 12.59 0.86 -9.49
C VAL B 91 11.52 0.35 -10.45
N GLY B 92 11.48 0.94 -11.66
CA GLY B 92 10.49 0.46 -12.60
C GLY B 92 10.75 0.90 -14.02
N LEU B 93 9.89 0.42 -14.92
CA LEU B 93 9.93 0.74 -16.34
C LEU B 93 8.62 1.40 -16.77
N SER B 94 8.72 2.40 -17.65
CA SER B 94 7.59 3.28 -17.97
C SER B 94 7.57 3.64 -19.45
N ALA B 95 6.37 3.87 -19.98
CA ALA B 95 6.22 4.23 -21.39
C ALA B 95 4.86 4.90 -21.63
N SER B 96 4.76 5.54 -22.80
CA SER B 96 3.64 6.43 -23.10
C SER B 96 3.60 6.70 -24.61
N THR B 97 2.39 6.77 -25.15
CA THR B 97 2.16 7.30 -26.48
C THR B 97 1.24 8.52 -26.39
N GLY B 98 1.34 9.39 -27.39
CA GLY B 98 0.45 10.54 -27.53
C GLY B 98 -0.30 10.48 -28.84
N LEU B 99 -0.14 11.49 -29.71
CA LEU B 99 -0.71 11.41 -31.06
C LEU B 99 -0.03 10.32 -31.85
N TYR B 100 1.26 10.49 -32.08
CA TYR B 100 2.07 9.44 -32.69
C TYR B 100 2.36 8.37 -31.65
N LYS B 101 2.36 7.12 -32.12
CA LYS B 101 2.45 5.97 -31.18
C LYS B 101 3.52 4.99 -31.64
N GLU B 102 3.71 3.94 -30.86
CA GLU B 102 4.67 2.84 -31.10
C GLU B 102 4.37 1.73 -30.11
N THR B 103 4.73 0.49 -30.43
CA THR B 103 4.63 -0.59 -29.43
C THR B 103 5.76 -0.35 -28.44
N ASN B 104 5.55 -0.61 -27.16
CA ASN B 104 6.62 -0.38 -26.16
C ASN B 104 6.85 -1.69 -25.42
N THR B 105 7.47 -2.63 -26.10
CA THR B 105 7.64 -3.99 -25.57
C THR B 105 8.95 -4.16 -24.77
N ILE B 106 8.81 -4.83 -23.64
CA ILE B 106 9.97 -5.13 -22.81
C ILE B 106 10.14 -6.64 -22.83
N LEU B 107 11.32 -7.08 -23.24
CA LEU B 107 11.53 -8.51 -23.40
C LEU B 107 12.27 -9.12 -22.22
N SER B 108 13.05 -8.31 -21.50
CA SER B 108 13.82 -8.80 -20.36
C SER B 108 14.25 -7.59 -19.53
N TRP B 109 14.26 -7.76 -18.21
CA TRP B 109 14.63 -6.67 -17.29
C TRP B 109 15.34 -7.25 -16.09
N SER B 110 16.43 -6.60 -15.68
CA SER B 110 17.21 -7.13 -14.57
C SER B 110 17.84 -5.99 -13.79
N PHE B 111 18.07 -6.23 -12.49
CA PHE B 111 18.49 -5.12 -11.63
C PHE B 111 19.24 -5.67 -10.42
N THR B 112 20.33 -4.98 -10.06
CA THR B 112 21.22 -5.34 -8.96
C THR B 112 21.52 -4.09 -8.15
N SER B 113 21.37 -4.18 -6.82
CA SER B 113 21.70 -3.08 -5.92
C SER B 113 22.42 -3.63 -4.70
N LYS B 114 23.48 -2.94 -4.28
CA LYS B 114 24.35 -3.45 -3.22
C LYS B 114 24.80 -2.35 -2.29
N LEU B 115 24.82 -2.65 -1.00
CA LEU B 115 25.26 -1.72 0.04
C LEU B 115 26.27 -2.38 0.97
N LYS B 116 27.52 -1.92 0.98
CA LYS B 116 28.47 -2.40 1.99
C LYS B 116 28.54 -1.41 3.13
N SER B 117 28.34 -1.89 4.36
CA SER B 117 28.32 -1.03 5.53
C SER B 117 29.74 -0.69 5.97
N ASN B 118 29.89 0.52 6.53
CA ASN B 118 31.16 0.95 7.10
C ASN B 118 31.34 0.50 8.54
N SER B 119 30.24 0.33 9.27
CA SER B 119 30.35 -0.18 10.63
C SER B 119 30.88 -1.62 10.62
N THR B 120 30.28 -2.48 9.79
CA THR B 120 30.52 -3.91 9.86
C THR B 120 31.28 -4.48 8.66
N HIS B 121 31.38 -3.75 7.55
CA HIS B 121 32.00 -4.24 6.31
C HIS B 121 31.36 -5.55 5.84
N GLU B 122 30.02 -5.52 5.80
CA GLU B 122 29.22 -6.63 5.33
C GLU B 122 28.15 -6.08 4.39
N THR B 123 27.73 -6.90 3.44
CA THR B 123 26.99 -6.43 2.28
C THR B 123 25.51 -6.82 2.36
N ASN B 124 24.62 -5.86 2.11
CA ASN B 124 23.23 -6.15 1.71
C ASN B 124 23.07 -6.03 0.20
N ALA B 125 22.25 -6.91 -0.39
CA ALA B 125 22.12 -7.02 -1.84
C ALA B 125 20.71 -7.40 -2.25
N LEU B 126 20.30 -6.91 -3.44
CA LEU B 126 19.06 -7.32 -4.07
C LEU B 126 19.30 -7.49 -5.56
N HIS B 127 18.78 -8.60 -6.10
CA HIS B 127 18.91 -8.88 -7.53
C HIS B 127 17.67 -9.56 -8.05
N PHE B 128 17.15 -9.08 -9.18
CA PHE B 128 16.03 -9.74 -9.84
C PHE B 128 16.27 -9.70 -11.34
N MET B 129 15.67 -10.66 -12.03
CA MET B 129 15.97 -10.83 -13.43
C MET B 129 14.71 -11.40 -14.08
N PHE B 130 14.19 -10.68 -15.05
CA PHE B 130 13.02 -11.13 -15.79
C PHE B 130 13.48 -11.40 -17.22
N ASN B 131 13.57 -12.67 -17.58
CA ASN B 131 13.85 -13.01 -18.97
C ASN B 131 12.60 -13.43 -19.72
N GLN B 132 11.51 -13.70 -19.01
CA GLN B 132 10.20 -13.71 -19.63
C GLN B 132 9.15 -13.39 -18.57
N PHE B 133 8.09 -12.72 -19.00
CA PHE B 133 7.05 -12.21 -18.12
C PHE B 133 5.80 -13.06 -18.28
N SER B 134 5.12 -13.30 -17.18
CA SER B 134 3.95 -14.17 -17.16
C SER B 134 2.69 -13.34 -17.00
N LYS B 135 1.55 -14.00 -17.15
CA LYS B 135 0.23 -13.34 -17.17
C LYS B 135 -0.11 -12.71 -15.82
N ASP B 136 0.34 -13.32 -14.73
CA ASP B 136 -0.08 -12.79 -13.42
C ASP B 136 1.13 -12.52 -12.54
N GLN B 137 2.22 -12.02 -13.12
CA GLN B 137 3.50 -11.81 -12.39
C GLN B 137 3.22 -11.01 -11.13
N LYS B 138 3.47 -11.63 -9.99
CA LYS B 138 3.12 -11.04 -8.69
C LYS B 138 4.26 -10.21 -8.10
N ASP B 139 5.42 -10.19 -8.71
CA ASP B 139 6.50 -9.32 -8.17
C ASP B 139 6.52 -8.04 -9.00
N LEU B 140 5.65 -7.93 -9.98
CA LEU B 140 5.57 -6.65 -10.65
C LEU B 140 4.33 -5.94 -10.16
N ILE B 141 4.40 -4.61 -10.15
CA ILE B 141 3.23 -3.74 -9.99
C ILE B 141 2.97 -3.07 -11.34
N LEU B 142 1.84 -3.39 -11.97
CA LEU B 142 1.49 -2.79 -13.26
C LEU B 142 0.53 -1.62 -13.02
N GLN B 143 0.88 -0.47 -13.60
CA GLN B 143 0.08 0.74 -13.50
C GLN B 143 -0.37 1.15 -14.89
N GLY B 144 -1.64 1.51 -15.00
CA GLY B 144 -2.13 2.02 -16.26
C GLY B 144 -2.35 0.90 -17.25
N ASP B 145 -1.85 1.11 -18.47
CA ASP B 145 -2.09 0.17 -19.56
C ASP B 145 -1.08 -0.95 -19.62
N ALA B 146 -0.08 -0.93 -18.74
CA ALA B 146 0.92 -1.99 -18.71
C ALA B 146 0.24 -3.33 -18.52
N THR B 147 0.58 -4.29 -19.37
CA THR B 147 0.16 -5.67 -19.19
C THR B 147 1.36 -6.57 -19.38
N THR B 148 1.23 -7.81 -18.87
CA THR B 148 2.21 -8.87 -19.02
C THR B 148 1.50 -10.11 -19.52
N GLY B 149 2.25 -11.04 -20.12
CA GLY B 149 1.72 -12.31 -20.55
C GLY B 149 1.58 -12.47 -22.05
N THR B 150 1.56 -11.37 -22.81
CA THR B 150 1.40 -11.42 -24.26
C THR B 150 2.72 -11.83 -24.91
N ASP B 151 2.75 -13.03 -25.52
CA ASP B 151 4.00 -13.70 -25.91
C ASP B 151 5.05 -13.68 -24.80
N GLY B 152 4.62 -13.76 -23.55
CA GLY B 152 5.57 -13.75 -22.46
C GLY B 152 6.38 -12.48 -22.32
N ASN B 153 5.88 -11.36 -22.84
CA ASN B 153 6.56 -10.08 -22.73
C ASN B 153 5.77 -9.16 -21.79
N LEU B 154 6.29 -7.96 -21.63
CA LEU B 154 5.64 -6.88 -20.89
C LEU B 154 5.33 -5.75 -21.87
N GLU B 155 4.07 -5.56 -22.18
CA GLU B 155 3.65 -4.48 -23.06
C GLU B 155 3.34 -3.26 -22.21
N LEU B 156 4.19 -2.23 -22.32
CA LEU B 156 4.06 -1.07 -21.44
C LEU B 156 2.82 -0.26 -21.81
N THR B 157 2.78 0.25 -23.03
CA THR B 157 1.60 0.95 -23.54
C THR B 157 0.59 -0.05 -24.09
N ARG B 158 -0.47 0.44 -24.73
CA ARG B 158 -1.53 -0.45 -25.15
C ARG B 158 -1.35 -0.84 -26.61
N VAL B 159 -1.58 -2.12 -26.89
CA VAL B 159 -1.65 -2.66 -28.23
C VAL B 159 -3.10 -3.12 -28.45
N SER B 160 -3.47 -3.31 -29.72
CA SER B 160 -4.78 -3.81 -30.10
C SER B 160 -4.71 -5.31 -30.40
N SER B 161 -5.90 -5.93 -30.45
CA SER B 161 -6.04 -7.35 -30.78
C SER B 161 -5.51 -7.68 -32.17
N ASN B 162 -5.23 -6.69 -33.00
CA ASN B 162 -4.57 -6.88 -34.28
C ASN B 162 -3.16 -6.30 -34.27
N GLY B 163 -2.48 -6.41 -33.13
CA GLY B 163 -1.09 -6.00 -33.01
C GLY B 163 -0.82 -4.54 -33.17
N SER B 164 -1.86 -3.69 -33.15
CA SER B 164 -1.66 -2.29 -33.47
C SER B 164 -1.36 -1.49 -32.20
N PRO B 165 -0.33 -0.65 -32.21
CA PRO B 165 -0.17 0.32 -31.11
C PRO B 165 -1.37 1.26 -31.01
N GLN B 166 -1.49 1.93 -29.87
CA GLN B 166 -2.57 2.88 -29.65
C GLN B 166 -2.04 4.14 -28.98
N GLY B 167 -2.66 5.27 -29.31
CA GLY B 167 -2.28 6.53 -28.72
C GLY B 167 -2.99 6.82 -27.40
N SER B 168 -2.53 7.88 -26.74
CA SER B 168 -3.04 8.30 -25.42
C SER B 168 -2.83 7.25 -24.34
N SER B 169 -1.96 6.28 -24.59
CA SER B 169 -1.74 5.13 -23.73
C SER B 169 -0.52 5.37 -22.85
N VAL B 170 -0.60 4.91 -21.59
CA VAL B 170 0.50 5.06 -20.64
C VAL B 170 0.49 3.87 -19.71
N GLY B 171 1.68 3.41 -19.33
CA GLY B 171 1.81 2.25 -18.47
C GLY B 171 3.15 2.16 -17.81
N ARG B 172 3.20 1.49 -16.66
CA ARG B 172 4.41 1.34 -15.87
C ARG B 172 4.41 -0.02 -15.15
N ALA B 173 5.62 -0.55 -14.91
CA ALA B 173 5.84 -1.76 -14.14
C ALA B 173 6.86 -1.47 -13.06
N LEU B 174 6.52 -1.76 -11.81
CA LEU B 174 7.42 -1.57 -10.69
C LEU B 174 7.84 -2.92 -10.13
N PHE B 175 9.11 -3.06 -9.76
CA PHE B 175 9.47 -4.24 -8.99
C PHE B 175 8.82 -4.13 -7.63
N TYR B 176 8.15 -5.20 -7.21
CA TYR B 176 7.26 -5.14 -6.07
C TYR B 176 8.01 -4.77 -4.79
N ALA B 177 9.26 -5.35 -4.58
CA ALA B 177 9.75 -4.99 -3.27
C ALA B 177 10.54 -3.68 -3.31
N PRO B 178 10.50 -2.90 -2.23
CA PRO B 178 11.31 -1.67 -2.18
C PRO B 178 12.79 -1.96 -2.05
N VAL B 179 13.59 -0.92 -2.31
CA VAL B 179 15.01 -1.06 -2.60
C VAL B 179 15.76 -0.02 -1.78
N HIS B 180 16.84 -0.45 -1.11
CA HIS B 180 17.62 0.42 -0.24
C HIS B 180 18.75 0.99 -1.09
N ILE B 181 18.56 2.21 -1.60
CA ILE B 181 19.40 2.76 -2.66
C ILE B 181 20.56 3.60 -2.15
N TRP B 182 20.51 4.08 -0.91
CA TRP B 182 21.72 4.59 -0.28
C TRP B 182 21.54 4.55 1.23
N GLU B 183 22.66 4.44 1.93
CA GLU B 183 22.71 4.36 3.38
C GLU B 183 23.83 5.27 3.83
N SER B 184 23.52 6.16 4.77
CA SER B 184 24.48 7.17 5.19
C SER B 184 25.81 6.55 5.61
N SER B 185 25.79 5.33 6.15
CA SER B 185 26.96 4.68 6.71
C SER B 185 27.42 3.49 5.88
N ALA B 186 27.42 3.64 4.56
CA ALA B 186 27.93 2.62 3.65
C ALA B 186 29.20 3.14 2.98
N VAL B 187 30.18 2.26 2.78
CA VAL B 187 31.41 2.70 2.12
C VAL B 187 31.21 2.80 0.61
N VAL B 188 30.42 1.90 0.04
CA VAL B 188 30.23 1.85 -1.41
C VAL B 188 28.81 1.35 -1.68
N ALA B 189 28.08 2.11 -2.48
CA ALA B 189 26.77 1.72 -2.95
C ALA B 189 26.78 1.73 -4.46
N SER B 190 26.17 0.73 -5.06
CA SER B 190 26.14 0.63 -6.50
C SER B 190 24.87 -0.09 -6.91
N PHE B 191 24.35 0.27 -8.08
CA PHE B 191 23.20 -0.40 -8.63
C PHE B 191 23.37 -0.44 -10.15
N GLU B 192 22.62 -1.33 -10.78
CA GLU B 192 22.84 -1.70 -12.16
C GLU B 192 21.50 -2.14 -12.73
N ALA B 193 21.19 -1.70 -13.93
CA ALA B 193 19.91 -2.07 -14.51
C ALA B 193 20.12 -2.40 -15.98
N THR B 194 19.34 -3.37 -16.47
CA THR B 194 19.45 -3.82 -17.85
C THR B 194 18.07 -4.17 -18.34
N PHE B 195 17.70 -3.70 -19.52
CA PHE B 195 16.49 -4.20 -20.15
C PHE B 195 16.65 -4.24 -21.66
N THR B 196 15.82 -5.04 -22.29
CA THR B 196 15.76 -5.12 -23.72
C THR B 196 14.37 -4.72 -24.18
N PHE B 197 14.29 -4.31 -25.44
CA PHE B 197 13.08 -3.67 -25.92
C PHE B 197 13.01 -3.80 -27.43
N LEU B 198 11.78 -3.94 -27.92
CA LEU B 198 11.44 -3.80 -29.32
C LEU B 198 10.41 -2.69 -29.42
N ILE B 199 10.79 -1.56 -30.01
CA ILE B 199 9.83 -0.51 -30.34
C ILE B 199 9.47 -0.65 -31.82
N LYS B 200 8.17 -0.81 -32.11
CA LYS B 200 7.68 -0.94 -33.48
C LYS B 200 6.50 0.01 -33.68
N SER B 201 6.49 0.70 -34.83
CA SER B 201 5.38 1.58 -35.19
C SER B 201 5.09 1.44 -36.68
N PRO B 202 3.82 1.46 -37.07
CA PRO B 202 3.52 1.59 -38.51
C PRO B 202 3.78 3.00 -39.02
N ASP B 203 3.73 4.00 -38.13
CA ASP B 203 3.89 5.40 -38.48
C ASP B 203 5.26 5.67 -39.09
N SER B 204 5.42 6.89 -39.61
CA SER B 204 6.74 7.39 -39.92
C SER B 204 7.37 8.05 -38.71
N HIS B 205 6.55 8.60 -37.81
CA HIS B 205 7.01 9.15 -36.56
C HIS B 205 6.54 8.28 -35.41
N PRO B 206 7.41 7.47 -34.81
CA PRO B 206 7.07 6.82 -33.55
C PRO B 206 7.27 7.79 -32.38
N ALA B 207 6.44 7.62 -31.35
CA ALA B 207 6.45 8.44 -30.14
C ALA B 207 5.79 7.62 -29.04
N ASP B 208 6.22 7.79 -27.80
CA ASP B 208 7.12 8.79 -27.25
C ASP B 208 8.47 8.22 -26.76
N GLY B 209 8.39 7.09 -26.07
CA GLY B 209 9.55 6.29 -25.74
C GLY B 209 9.32 5.50 -24.47
N ILE B 210 10.43 5.15 -23.83
CA ILE B 210 10.48 4.18 -22.74
C ILE B 210 11.44 4.77 -21.72
N ALA B 211 11.20 4.51 -20.43
CA ALA B 211 12.11 4.95 -19.39
C ALA B 211 12.26 3.92 -18.27
N PHE B 212 13.50 3.62 -17.90
CA PHE B 212 13.77 3.06 -16.60
C PHE B 212 13.71 4.18 -15.58
N PHE B 213 13.07 3.93 -14.43
CA PHE B 213 13.04 4.97 -13.42
C PHE B 213 13.18 4.41 -12.02
N ILE B 214 13.44 5.34 -11.11
CA ILE B 214 13.57 5.14 -9.68
C ILE B 214 12.72 6.22 -9.01
N SER B 215 11.94 5.85 -8.00
CA SER B 215 11.00 6.75 -7.34
C SER B 215 10.78 6.36 -5.89
N ASN B 216 10.14 7.26 -5.15
CA ASN B 216 9.50 6.93 -3.88
C ASN B 216 8.60 5.70 -4.02
N ILE B 217 8.51 4.89 -2.96
CA ILE B 217 7.87 3.57 -3.03
C ILE B 217 6.41 3.67 -3.45
N ASP B 218 5.73 4.76 -3.10
CA ASP B 218 4.30 4.88 -3.29
C ASP B 218 3.91 5.47 -4.64
N SER B 219 4.89 5.70 -5.52
CA SER B 219 4.67 6.41 -6.78
C SER B 219 3.54 5.81 -7.61
N SER B 220 2.74 6.69 -8.20
CA SER B 220 1.75 6.32 -9.20
C SER B 220 1.96 7.18 -10.44
N ILE B 221 1.30 6.82 -11.52
CA ILE B 221 1.36 7.64 -12.73
C ILE B 221 0.70 8.99 -12.45
N PRO B 222 1.34 10.12 -12.77
CA PRO B 222 0.65 11.41 -12.62
C PRO B 222 -0.49 11.56 -13.61
N SER B 223 -1.43 12.45 -13.30
CA SER B 223 -2.56 12.70 -14.21
C SER B 223 -2.08 13.31 -15.52
N GLY B 224 -2.61 12.76 -16.62
CA GLY B 224 -2.32 13.23 -17.95
C GLY B 224 -0.83 13.39 -18.21
N SER B 225 -0.06 12.34 -17.88
CA SER B 225 1.36 12.30 -18.19
C SER B 225 1.64 11.48 -19.44
N THR B 226 0.61 11.19 -20.23
CA THR B 226 0.80 10.52 -21.50
C THR B 226 1.66 11.34 -22.44
N GLY B 227 1.99 10.77 -23.59
CA GLY B 227 2.78 11.54 -24.52
C GLY B 227 4.19 11.86 -24.05
N ARG B 228 4.56 13.13 -24.21
CA ARG B 228 5.89 13.64 -23.96
C ARG B 228 6.28 13.64 -22.49
N LEU B 229 5.40 13.22 -21.57
CA LEU B 229 5.77 13.17 -20.16
C LEU B 229 6.07 11.75 -19.67
N LEU B 230 5.85 10.73 -20.51
CA LEU B 230 6.36 9.38 -20.31
C LEU B 230 5.80 8.70 -19.07
N GLY B 231 4.61 9.12 -18.61
CA GLY B 231 4.08 8.59 -17.36
C GLY B 231 4.92 8.88 -16.13
N LEU B 232 5.88 9.78 -16.22
CA LEU B 232 6.79 10.06 -15.10
C LEU B 232 6.45 11.35 -14.39
N PHE B 233 6.08 12.38 -15.13
CA PHE B 233 6.06 13.72 -14.60
C PHE B 233 4.67 14.34 -14.72
N PRO B 234 4.27 15.20 -13.76
CA PRO B 234 2.96 15.86 -13.88
C PRO B 234 2.92 16.94 -14.95
N ASP B 235 4.08 17.47 -15.34
CA ASP B 235 4.17 18.66 -16.19
C ASP B 235 5.52 18.64 -16.92
N ALA B 236 5.76 19.68 -17.72
CA ALA B 236 6.97 19.79 -18.52
C ALA B 236 8.06 20.61 -17.84
N ASN B 237 7.88 20.99 -16.58
CA ASN B 237 8.87 21.82 -15.89
C ASN B 237 10.25 21.15 -15.93
N ALA C 1 -6.91 -21.14 5.97
CA ALA C 1 -5.83 -21.86 6.64
C ALA C 1 -4.59 -21.85 5.77
N ASP C 2 -3.47 -21.37 6.30
CA ASP C 2 -2.29 -21.17 5.46
C ASP C 2 -1.66 -22.50 5.07
N THR C 3 -0.95 -22.49 3.94
CA THR C 3 -0.13 -23.61 3.52
C THR C 3 1.31 -23.29 3.85
N ILE C 4 1.91 -24.14 4.69
CA ILE C 4 3.23 -23.91 5.26
C ILE C 4 4.12 -25.06 4.86
N VAL C 5 5.31 -24.75 4.35
CA VAL C 5 6.43 -25.69 4.27
C VAL C 5 7.58 -25.06 5.03
N ALA C 6 8.20 -25.82 5.93
CA ALA C 6 9.21 -25.24 6.81
C ALA C 6 10.36 -26.22 7.07
N VAL C 7 11.51 -25.64 7.39
CA VAL C 7 12.63 -26.33 7.99
C VAL C 7 12.78 -25.81 9.42
N GLU C 8 12.66 -26.70 10.40
CA GLU C 8 12.56 -26.27 11.79
C GLU C 8 13.83 -26.58 12.57
N LEU C 9 14.30 -25.59 13.31
CA LEU C 9 15.39 -25.76 14.24
C LEU C 9 14.76 -25.79 15.63
N ASP C 10 14.54 -27.01 16.15
CA ASP C 10 13.62 -27.25 17.27
C ASP C 10 14.42 -27.47 18.56
N THR C 11 14.58 -26.41 19.35
CA THR C 11 15.44 -26.50 20.52
C THR C 11 14.84 -27.32 21.67
N TYR C 12 13.53 -27.63 21.65
CA TYR C 12 12.78 -28.05 22.83
C TYR C 12 11.84 -29.22 22.57
N PRO C 13 12.16 -30.43 23.04
CA PRO C 13 11.34 -31.61 22.71
C PRO C 13 9.94 -31.53 23.30
N ASN C 14 8.93 -31.56 22.44
CA ASN C 14 7.53 -31.65 22.85
C ASN C 14 7.05 -33.04 22.43
N THR C 15 7.43 -34.04 23.24
CA THR C 15 7.19 -35.43 22.85
C THR C 15 5.70 -35.74 22.70
N ASP C 16 4.84 -34.97 23.37
CA ASP C 16 3.41 -35.24 23.31
C ASP C 16 2.77 -34.82 21.99
N ILE C 17 3.51 -34.15 21.11
CA ILE C 17 3.03 -33.92 19.74
C ILE C 17 4.04 -34.43 18.72
N GLY C 18 4.88 -35.38 19.12
CA GLY C 18 5.69 -36.12 18.17
C GLY C 18 7.14 -35.71 18.06
N ASP C 19 7.54 -34.66 18.78
CA ASP C 19 8.98 -34.29 18.69
C ASP C 19 9.80 -35.45 19.26
N PRO C 20 11.01 -35.68 18.75
CA PRO C 20 11.91 -36.61 19.39
C PRO C 20 12.40 -36.08 20.76
N SER C 21 12.99 -36.95 21.54
CA SER C 21 13.45 -36.68 22.92
C SER C 21 14.56 -35.62 23.08
N TYR C 22 15.21 -35.19 22.02
CA TYR C 22 16.31 -34.22 22.12
C TYR C 22 16.11 -33.06 21.17
N PRO C 23 16.84 -31.93 21.27
CA PRO C 23 16.82 -30.88 20.27
C PRO C 23 17.02 -31.42 18.85
N HIS C 24 16.33 -30.84 17.87
CA HIS C 24 16.34 -31.51 16.59
C HIS C 24 16.05 -30.51 15.47
N ILE C 25 16.34 -30.94 14.25
CA ILE C 25 15.97 -30.20 13.05
C ILE C 25 15.07 -31.09 12.23
N GLY C 26 14.06 -30.50 11.58
CA GLY C 26 13.07 -31.29 10.89
C GLY C 26 12.51 -30.59 9.66
N ILE C 27 11.97 -31.40 8.75
CA ILE C 27 11.21 -30.90 7.61
C ILE C 27 9.73 -30.99 7.96
N ASP C 28 9.00 -29.91 7.72
CA ASP C 28 7.59 -29.84 8.03
C ASP C 28 6.80 -29.55 6.76
N ILE C 29 5.95 -30.50 6.36
CA ILE C 29 5.04 -30.27 5.24
C ILE C 29 3.61 -30.25 5.76
N LYS C 30 3.03 -29.04 5.78
CA LYS C 30 1.67 -28.73 6.22
C LYS C 30 1.33 -29.32 7.60
N SER C 31 2.34 -29.45 8.47
CA SER C 31 2.13 -29.98 9.81
C SER C 31 3.34 -29.71 10.70
N VAL C 32 3.10 -29.42 11.98
CA VAL C 32 4.21 -29.28 12.92
C VAL C 32 4.91 -30.61 13.20
N ARG C 33 4.26 -31.76 12.92
CA ARG C 33 4.84 -33.08 13.12
C ARG C 33 5.76 -33.42 11.96
N SER C 34 7.06 -33.22 12.16
CA SER C 34 8.02 -33.25 11.06
C SER C 34 8.00 -34.59 10.33
N LYS C 35 8.09 -34.54 8.99
CA LYS C 35 8.14 -35.75 8.17
C LYS C 35 9.45 -36.48 8.37
N LYS C 36 10.45 -35.80 8.90
CA LYS C 36 11.81 -36.29 9.00
C LYS C 36 12.57 -35.36 9.95
N THR C 37 13.44 -35.94 10.80
CA THR C 37 14.22 -35.17 11.77
C THR C 37 15.61 -35.76 11.92
N ALA C 38 16.50 -34.95 12.50
CA ALA C 38 17.83 -35.35 12.93
C ALA C 38 18.17 -34.68 14.26
N LYS C 39 18.95 -35.39 15.05
CA LYS C 39 19.47 -34.86 16.30
C LYS C 39 20.33 -33.63 16.04
N TRP C 40 20.05 -32.55 16.76
CA TRP C 40 20.73 -31.27 16.62
C TRP C 40 21.30 -30.90 17.99
N ASN C 41 22.62 -30.90 18.09
CA ASN C 41 23.28 -30.53 19.33
C ASN C 41 23.45 -29.01 19.34
N MET C 42 22.33 -28.32 19.63
CA MET C 42 22.33 -26.85 19.70
C MET C 42 23.25 -26.36 20.82
N GLN C 43 23.95 -25.27 20.51
CA GLN C 43 24.99 -24.67 21.38
C GLN C 43 24.60 -23.28 21.86
N ASN C 44 24.08 -23.21 23.07
CA ASN C 44 23.60 -21.97 23.72
C ASN C 44 24.73 -20.94 23.67
N GLY C 45 24.41 -19.76 23.14
CA GLY C 45 25.34 -18.63 23.06
C GLY C 45 26.23 -18.60 21.84
N LYS C 46 26.13 -19.57 20.93
CA LYS C 46 27.01 -19.52 19.77
C LYS C 46 26.26 -19.20 18.47
N VAL C 47 26.95 -18.46 17.60
CA VAL C 47 26.45 -18.24 16.25
C VAL C 47 26.57 -19.54 15.45
N GLY C 48 25.53 -19.85 14.69
CA GLY C 48 25.54 -21.00 13.82
C GLY C 48 24.98 -20.62 12.46
N THR C 49 25.07 -21.55 11.53
CA THR C 49 24.54 -21.34 10.20
C THR C 49 23.64 -22.50 9.83
N ALA C 50 22.57 -22.18 9.10
CA ALA C 50 21.69 -23.13 8.47
C ALA C 50 21.74 -22.94 6.96
N HIS C 51 21.68 -24.05 6.21
CA HIS C 51 21.68 -24.00 4.75
C HIS C 51 20.58 -24.93 4.25
N ILE C 52 19.58 -24.37 3.54
CA ILE C 52 18.44 -25.11 3.00
C ILE C 52 18.53 -25.06 1.47
N ILE C 53 18.13 -26.16 0.81
CA ILE C 53 18.24 -26.26 -0.65
C ILE C 53 17.12 -27.15 -1.18
N TYR C 54 16.62 -26.81 -2.38
CA TYR C 54 15.63 -27.60 -3.10
C TYR C 54 15.84 -27.43 -4.62
N ASN C 55 15.46 -28.43 -5.41
CA ASN C 55 15.47 -28.19 -6.85
C ASN C 55 14.43 -29.11 -7.49
N SER C 56 13.96 -28.71 -8.67
CA SER C 56 12.89 -29.48 -9.32
C SER C 56 13.41 -30.79 -9.89
N VAL C 57 14.70 -30.89 -10.19
CA VAL C 57 15.22 -32.12 -10.79
C VAL C 57 14.99 -33.28 -9.84
N ASP C 58 15.47 -33.16 -8.62
CA ASP C 58 15.44 -34.26 -7.66
C ASP C 58 14.27 -34.19 -6.70
N LYS C 59 13.60 -33.04 -6.62
CA LYS C 59 12.40 -32.91 -5.81
C LYS C 59 12.64 -33.45 -4.42
N ARG C 60 13.64 -32.86 -3.74
CA ARG C 60 14.13 -33.29 -2.41
C ARG C 60 14.53 -32.08 -1.55
N LEU C 61 14.00 -31.93 -0.34
CA LEU C 61 14.31 -30.76 0.47
C LEU C 61 15.36 -31.17 1.48
N SER C 62 16.51 -30.49 1.47
CA SER C 62 17.62 -30.84 2.35
C SER C 62 18.10 -29.63 3.12
N ALA C 63 18.45 -29.85 4.38
CA ALA C 63 18.95 -28.80 5.25
C ALA C 63 20.22 -29.27 5.97
N VAL C 64 21.13 -28.33 6.23
CA VAL C 64 22.33 -28.59 6.99
C VAL C 64 22.45 -27.51 8.06
N VAL C 65 22.73 -27.91 9.30
CA VAL C 65 22.87 -26.93 10.36
C VAL C 65 24.10 -27.28 11.19
N SER C 66 25.01 -26.32 11.32
CA SER C 66 26.21 -26.60 12.07
C SER C 66 26.76 -25.32 12.65
N TYR C 67 27.66 -25.50 13.59
CA TYR C 67 28.48 -24.53 14.28
C TYR C 67 29.93 -24.73 13.88
N PRO C 68 30.74 -23.70 13.93
CA PRO C 68 32.18 -23.86 13.67
C PRO C 68 32.82 -24.99 14.47
N ASN C 69 33.61 -25.81 13.78
CA ASN C 69 34.36 -26.93 14.36
C ASN C 69 33.45 -27.93 15.06
N ALA C 70 32.19 -28.01 14.65
CA ALA C 70 31.30 -29.05 15.15
C ALA C 70 30.73 -29.81 13.96
N ASP C 71 30.40 -31.07 14.19
CA ASP C 71 29.71 -31.82 13.16
C ASP C 71 28.36 -31.18 12.86
N SER C 72 27.88 -31.45 11.67
CA SER C 72 26.65 -30.88 11.17
C SER C 72 25.50 -31.83 11.42
N ALA C 73 24.32 -31.26 11.51
CA ALA C 73 23.08 -32.04 11.37
C ALA C 73 22.51 -31.73 9.98
N THR C 74 22.19 -32.78 9.25
CA THR C 74 21.52 -32.68 7.97
C THR C 74 20.21 -33.43 8.06
N VAL C 75 19.27 -33.07 7.20
CA VAL C 75 17.98 -33.75 7.17
C VAL C 75 17.38 -33.53 5.78
N SER C 76 16.74 -34.56 5.25
CA SER C 76 16.34 -34.60 3.84
C SER C 76 14.99 -35.27 3.70
N TYR C 77 14.15 -34.71 2.83
CA TYR C 77 12.84 -35.29 2.55
C TYR C 77 12.51 -35.12 1.07
N ASP C 78 12.11 -36.22 0.43
CA ASP C 78 11.58 -36.16 -0.93
C ASP C 78 10.19 -35.57 -0.92
N VAL C 79 10.01 -34.42 -1.56
CA VAL C 79 8.69 -33.80 -1.64
C VAL C 79 8.62 -33.03 -2.95
N ASP C 80 7.52 -33.21 -3.68
CA ASP C 80 7.31 -32.43 -4.91
C ASP C 80 6.56 -31.18 -4.47
N LEU C 81 7.30 -30.09 -4.32
CA LEU C 81 6.75 -28.89 -3.69
C LEU C 81 5.60 -28.30 -4.51
N ASP C 82 5.48 -28.63 -5.79
CA ASP C 82 4.39 -28.03 -6.55
C ASP C 82 3.09 -28.79 -6.46
N ASN C 83 3.04 -29.90 -5.73
CA ASN C 83 1.78 -30.45 -5.23
C ASN C 83 1.53 -30.04 -3.78
N VAL C 84 2.14 -28.95 -3.34
CA VAL C 84 2.04 -28.50 -1.96
C VAL C 84 1.81 -26.99 -1.97
N LEU C 85 2.75 -26.26 -2.55
CA LEU C 85 2.68 -24.82 -2.39
C LEU C 85 1.98 -24.19 -3.57
N PRO C 86 1.21 -23.15 -3.30
CA PRO C 86 0.76 -22.28 -4.39
C PRO C 86 1.94 -21.88 -5.27
N GLU C 87 1.63 -21.59 -6.53
CA GLU C 87 2.65 -21.27 -7.50
C GLU C 87 3.47 -20.03 -7.09
N TRP C 88 2.82 -18.99 -6.56
CA TRP C 88 3.49 -17.85 -5.92
C TRP C 88 3.41 -18.00 -4.41
N VAL C 89 4.49 -17.64 -3.73
CA VAL C 89 4.64 -17.83 -2.29
C VAL C 89 5.41 -16.65 -1.72
N ARG C 90 5.56 -16.64 -0.39
CA ARG C 90 6.48 -15.74 0.29
C ARG C 90 7.39 -16.55 1.22
N VAL C 91 8.62 -16.12 1.34
CA VAL C 91 9.63 -16.78 2.14
C VAL C 91 9.82 -15.98 3.42
N GLY C 92 10.19 -16.66 4.50
CA GLY C 92 10.36 -15.95 5.74
C GLY C 92 11.06 -16.78 6.80
N LEU C 93 11.41 -16.10 7.89
CA LEU C 93 11.91 -16.72 9.10
C LEU C 93 10.91 -16.51 10.24
N SER C 94 10.82 -17.51 11.13
CA SER C 94 9.89 -17.53 12.25
C SER C 94 10.54 -18.13 13.50
N ALA C 95 10.14 -17.64 14.67
CA ALA C 95 10.57 -18.20 15.96
C ALA C 95 9.55 -17.90 17.04
N SER C 96 9.46 -18.78 18.01
CA SER C 96 8.54 -18.65 19.13
C SER C 96 9.26 -18.93 20.44
N THR C 97 8.60 -18.53 21.53
CA THR C 97 8.94 -19.00 22.86
C THR C 97 7.63 -19.33 23.58
N GLY C 98 7.76 -20.08 24.67
CA GLY C 98 6.61 -20.54 25.45
C GLY C 98 6.77 -20.33 26.94
N LEU C 99 6.61 -21.40 27.73
CA LEU C 99 6.96 -21.30 29.15
C LEU C 99 8.45 -21.08 29.32
N TYR C 100 9.25 -21.78 28.52
CA TYR C 100 10.68 -21.51 28.41
C TYR C 100 10.97 -20.67 27.18
N LYS C 101 12.15 -20.06 27.16
CA LYS C 101 12.41 -18.95 26.27
C LYS C 101 13.88 -18.95 25.89
N GLU C 102 14.22 -18.12 24.90
CA GLU C 102 15.56 -18.02 24.35
C GLU C 102 15.60 -16.81 23.44
N THR C 103 16.80 -16.27 23.22
CA THR C 103 16.97 -15.28 22.16
C THR C 103 16.87 -15.97 20.80
N ASN C 104 16.16 -15.34 19.87
CA ASN C 104 16.02 -15.97 18.55
C ASN C 104 16.56 -15.01 17.49
N THR C 105 17.86 -14.73 17.58
CA THR C 105 18.50 -13.62 16.89
C THR C 105 18.99 -14.04 15.50
N ILE C 106 18.70 -13.23 14.51
CA ILE C 106 19.06 -13.52 13.13
C ILE C 106 20.14 -12.53 12.72
N LEU C 107 21.36 -13.04 12.47
CA LEU C 107 22.47 -12.16 12.12
C LEU C 107 22.62 -11.96 10.61
N SER C 108 22.03 -12.83 9.79
CA SER C 108 22.15 -12.72 8.34
C SER C 108 21.11 -13.60 7.69
N TRP C 109 20.60 -13.16 6.54
CA TRP C 109 19.70 -14.04 5.79
C TRP C 109 19.89 -13.78 4.30
N SER C 110 19.99 -14.85 3.51
CA SER C 110 20.06 -14.73 2.06
C SER C 110 19.22 -15.82 1.38
N PHE C 111 18.67 -15.47 0.22
CA PHE C 111 17.75 -16.38 -0.47
C PHE C 111 17.94 -16.21 -1.97
N THR C 112 17.77 -17.30 -2.69
CA THR C 112 18.02 -17.28 -4.13
C THR C 112 17.04 -18.24 -4.76
N SER C 113 16.36 -17.80 -5.82
CA SER C 113 15.39 -18.65 -6.50
C SER C 113 15.51 -18.47 -8.01
N LYS C 114 15.48 -19.60 -8.75
CA LYS C 114 15.68 -19.62 -10.19
C LYS C 114 14.60 -20.45 -10.87
N LEU C 115 14.09 -19.95 -12.01
CA LEU C 115 13.13 -20.68 -12.85
C LEU C 115 13.62 -20.73 -14.30
N LYS C 116 14.18 -21.86 -14.76
CA LYS C 116 14.51 -22.06 -16.18
C LYS C 116 13.29 -22.62 -16.89
N SER C 117 12.73 -21.85 -17.83
CA SER C 117 11.43 -22.20 -18.38
C SER C 117 11.56 -23.13 -19.58
N ASN C 118 10.62 -24.09 -19.67
CA ASN C 118 10.57 -25.05 -20.77
C ASN C 118 10.22 -24.36 -22.09
N SER C 119 9.38 -23.33 -22.04
CA SER C 119 8.97 -22.65 -23.27
C SER C 119 10.16 -21.96 -23.95
N THR C 120 10.94 -21.19 -23.19
CA THR C 120 12.01 -20.39 -23.78
C THR C 120 13.42 -20.86 -23.44
N HIS C 121 13.61 -21.63 -22.36
CA HIS C 121 14.94 -21.99 -21.88
C HIS C 121 15.75 -20.75 -21.52
N GLU C 122 15.07 -19.77 -20.91
CA GLU C 122 15.73 -18.63 -20.30
C GLU C 122 15.14 -18.44 -18.91
N THR C 123 15.92 -17.81 -18.03
CA THR C 123 15.73 -17.98 -16.60
C THR C 123 15.32 -16.68 -15.90
N ASN C 124 14.35 -16.81 -15.00
CA ASN C 124 13.99 -15.78 -14.02
C ASN C 124 14.70 -16.08 -12.70
N ALA C 125 15.19 -15.03 -12.05
CA ALA C 125 15.90 -15.17 -10.77
C ALA C 125 15.50 -14.08 -9.80
N LEU C 126 15.43 -14.44 -8.51
CA LEU C 126 15.35 -13.53 -7.38
C LEU C 126 16.45 -13.86 -6.39
N HIS C 127 17.15 -12.83 -5.91
CA HIS C 127 18.20 -13.03 -4.91
C HIS C 127 18.21 -11.83 -3.99
N PHE C 128 18.26 -12.09 -2.69
CA PHE C 128 18.40 -11.04 -1.69
C PHE C 128 19.32 -11.51 -0.57
N MET C 129 20.01 -10.55 0.04
CA MET C 129 21.09 -10.85 0.97
C MET C 129 21.09 -9.81 2.07
N PHE C 130 20.89 -10.25 3.31
CA PHE C 130 20.91 -9.38 4.47
C PHE C 130 22.09 -9.75 5.34
N ASN C 131 22.95 -8.77 5.63
CA ASN C 131 24.01 -8.94 6.60
C ASN C 131 23.97 -7.88 7.69
N GLN C 132 23.10 -6.88 7.56
CA GLN C 132 22.61 -6.20 8.75
C GLN C 132 21.21 -5.67 8.47
N PHE C 133 20.41 -5.60 9.52
CA PHE C 133 19.03 -5.16 9.44
C PHE C 133 18.92 -3.79 10.09
N SER C 134 18.54 -2.80 9.30
CA SER C 134 18.40 -1.45 9.85
C SER C 134 17.11 -1.34 10.65
N LYS C 135 16.94 -0.18 11.29
CA LYS C 135 15.82 0.02 12.20
C LYS C 135 14.52 0.13 11.42
N ASP C 136 14.61 0.39 10.13
CA ASP C 136 13.45 0.56 9.27
C ASP C 136 13.79 -0.24 8.01
N GLN C 137 13.39 -1.52 8.01
CA GLN C 137 13.71 -2.46 6.93
C GLN C 137 12.45 -2.63 6.07
N LYS C 138 12.34 -1.82 5.00
CA LYS C 138 11.14 -1.80 4.16
C LYS C 138 11.02 -2.97 3.19
N ASP C 139 12.05 -3.78 2.98
CA ASP C 139 11.86 -4.96 2.15
C ASP C 139 11.59 -6.19 2.99
N LEU C 140 11.49 -6.03 4.30
CA LEU C 140 10.99 -7.06 5.19
C LEU C 140 9.57 -6.72 5.65
N ILE C 141 8.73 -7.76 5.81
CA ILE C 141 7.40 -7.65 6.39
C ILE C 141 7.47 -8.26 7.79
N LEU C 142 7.41 -7.43 8.82
CA LEU C 142 7.62 -7.90 10.19
C LEU C 142 6.30 -8.23 10.87
N GLN C 143 6.23 -9.40 11.49
CA GLN C 143 4.98 -9.89 12.07
C GLN C 143 5.18 -10.30 13.52
N GLY C 144 4.13 -10.14 14.31
CA GLY C 144 4.22 -10.55 15.71
C GLY C 144 5.13 -9.64 16.52
N ASP C 145 6.04 -10.26 17.30
CA ASP C 145 6.96 -9.55 18.17
C ASP C 145 8.32 -9.30 17.53
N ALA C 146 8.41 -9.30 16.20
CA ALA C 146 9.68 -9.24 15.50
C ALA C 146 10.19 -7.79 15.37
N THR C 147 11.51 -7.62 15.47
CA THR C 147 12.11 -6.30 15.44
C THR C 147 13.47 -6.39 14.77
N THR C 148 13.81 -5.36 13.97
CA THR C 148 15.14 -5.21 13.37
C THR C 148 15.81 -3.96 13.93
N GLY C 149 17.14 -3.97 13.94
CA GLY C 149 17.92 -2.76 14.15
C GLY C 149 18.81 -2.78 15.37
N THR C 150 18.41 -3.49 16.43
CA THR C 150 19.26 -3.61 17.60
C THR C 150 20.55 -4.30 17.22
N ASP C 151 21.65 -3.56 17.22
CA ASP C 151 22.97 -4.08 16.87
C ASP C 151 22.98 -4.66 15.45
N GLY C 152 22.09 -4.16 14.58
CA GLY C 152 22.05 -4.60 13.21
C GLY C 152 21.45 -5.96 12.99
N ASN C 153 20.79 -6.52 14.01
CA ASN C 153 20.21 -7.83 13.89
C ASN C 153 18.69 -7.76 13.76
N LEU C 154 18.14 -8.87 13.32
CA LEU C 154 16.72 -9.15 13.40
C LEU C 154 16.50 -9.99 14.66
N GLU C 155 15.68 -9.49 15.58
CA GLU C 155 15.29 -10.24 16.78
C GLU C 155 13.87 -10.74 16.55
N LEU C 156 13.73 -12.05 16.35
CA LEU C 156 12.41 -12.58 15.98
C LEU C 156 11.44 -12.59 17.16
N THR C 157 11.90 -12.99 18.34
CA THR C 157 11.06 -13.02 19.54
C THR C 157 11.49 -11.95 20.52
N ARG C 158 10.49 -11.39 21.20
CA ARG C 158 10.62 -10.26 22.18
C ARG C 158 11.87 -10.37 23.07
N VAL C 159 12.69 -9.33 23.03
CA VAL C 159 13.90 -9.24 23.88
C VAL C 159 13.73 -7.98 24.72
N SER C 160 13.94 -8.06 26.02
CA SER C 160 13.76 -6.86 26.87
C SER C 160 14.95 -5.92 26.69
N SER C 161 14.83 -4.68 27.15
CA SER C 161 15.92 -3.66 27.07
C SER C 161 17.18 -4.17 27.80
N ASN C 162 17.01 -4.91 28.91
CA ASN C 162 18.08 -5.62 29.67
C ASN C 162 18.66 -6.81 28.89
N GLY C 163 18.08 -7.20 27.74
CA GLY C 163 18.65 -8.21 26.85
C GLY C 163 18.13 -9.61 27.09
N SER C 164 17.35 -9.79 28.14
CA SER C 164 16.75 -11.11 28.46
C SER C 164 15.62 -11.42 27.49
N PRO C 165 15.54 -12.65 26.97
CA PRO C 165 14.45 -13.03 26.08
C PRO C 165 13.20 -13.24 26.94
N GLN C 166 12.03 -12.98 26.41
CA GLN C 166 10.83 -13.25 27.21
C GLN C 166 10.19 -14.53 26.71
N GLY C 167 9.37 -15.19 27.53
CA GLY C 167 8.48 -16.26 27.15
C GLY C 167 7.28 -15.70 26.43
N SER C 168 6.41 -16.60 25.97
CA SER C 168 5.08 -16.24 25.44
C SER C 168 5.19 -15.28 24.27
N SER C 169 6.00 -15.64 23.28
CA SER C 169 6.32 -14.69 22.22
C SER C 169 6.43 -15.42 20.88
N VAL C 170 6.03 -14.72 19.82
CA VAL C 170 6.09 -15.24 18.46
C VAL C 170 6.33 -14.08 17.53
N GLY C 171 7.18 -14.31 16.51
CA GLY C 171 7.66 -13.26 15.61
C GLY C 171 8.14 -13.81 14.28
N ARG C 172 7.83 -13.10 13.19
CA ARG C 172 8.13 -13.63 11.86
C ARG C 172 8.58 -12.50 10.98
N ALA C 173 9.59 -12.77 10.16
CA ALA C 173 10.03 -11.85 9.12
C ALA C 173 9.85 -12.52 7.76
N LEU C 174 9.21 -11.81 6.84
CA LEU C 174 9.01 -12.31 5.48
C LEU C 174 9.61 -11.34 4.49
N PHE C 175 10.09 -11.86 3.37
CA PHE C 175 10.64 -10.95 2.38
C PHE C 175 9.50 -10.38 1.57
N TYR C 176 9.66 -9.14 1.12
CA TYR C 176 8.51 -8.37 0.64
C TYR C 176 8.07 -8.78 -0.76
N ALA C 177 8.98 -9.13 -1.62
CA ALA C 177 8.52 -9.57 -2.92
C ALA C 177 8.03 -11.01 -2.83
N PRO C 178 6.80 -11.29 -3.28
CA PRO C 178 6.40 -12.69 -3.47
C PRO C 178 7.35 -13.35 -4.46
N VAL C 179 7.48 -14.66 -4.34
CA VAL C 179 8.50 -15.44 -5.02
C VAL C 179 7.81 -16.47 -5.90
N HIS C 180 8.24 -16.55 -7.15
CA HIS C 180 7.67 -17.53 -8.10
C HIS C 180 8.35 -18.87 -7.92
N ILE C 181 7.79 -19.70 -7.03
CA ILE C 181 8.56 -20.84 -6.55
C ILE C 181 8.44 -22.05 -7.47
N TRP C 182 7.41 -22.10 -8.34
CA TRP C 182 7.37 -23.11 -9.40
C TRP C 182 6.47 -22.66 -10.55
N GLU C 183 6.72 -23.23 -11.72
CA GLU C 183 5.94 -23.01 -12.93
C GLU C 183 5.81 -24.35 -13.64
N SER C 184 4.62 -24.61 -14.19
CA SER C 184 4.40 -25.92 -14.80
C SER C 184 5.31 -26.15 -16.00
N SER C 185 5.66 -25.10 -16.72
CA SER C 185 6.54 -25.24 -17.89
C SER C 185 7.95 -24.74 -17.61
N ALA C 186 8.61 -25.24 -16.57
CA ALA C 186 9.99 -24.90 -16.28
C ALA C 186 10.82 -26.18 -16.27
N VAL C 187 11.91 -26.20 -17.05
CA VAL C 187 12.72 -27.41 -17.12
C VAL C 187 13.33 -27.71 -15.76
N VAL C 188 13.88 -26.69 -15.12
CA VAL C 188 14.54 -26.83 -13.83
C VAL C 188 14.16 -25.62 -12.98
N ALA C 189 13.93 -25.88 -11.70
CA ALA C 189 13.66 -24.85 -10.71
C ALA C 189 14.46 -25.19 -9.47
N SER C 190 14.84 -24.16 -8.71
CA SER C 190 15.71 -24.39 -7.57
C SER C 190 15.68 -23.15 -6.69
N PHE C 191 15.86 -23.38 -5.37
CA PHE C 191 15.98 -22.27 -4.44
C PHE C 191 16.98 -22.67 -3.36
N GLU C 192 17.48 -21.67 -2.65
CA GLU C 192 18.59 -21.83 -1.72
C GLU C 192 18.47 -20.76 -0.66
N ALA C 193 18.45 -21.17 0.61
CA ALA C 193 18.34 -20.21 1.69
C ALA C 193 19.44 -20.48 2.72
N THR C 194 19.98 -19.40 3.27
CA THR C 194 21.01 -19.44 4.29
C THR C 194 20.74 -18.36 5.32
N PHE C 195 20.86 -18.71 6.59
CA PHE C 195 20.81 -17.69 7.62
C PHE C 195 21.72 -18.07 8.76
N THR C 196 22.18 -17.06 9.46
CA THR C 196 22.97 -17.27 10.67
C THR C 196 22.18 -16.76 11.85
N PHE C 197 22.42 -17.35 13.01
CA PHE C 197 21.53 -17.14 14.13
C PHE C 197 22.34 -17.19 15.43
N LEU C 198 21.65 -16.88 16.53
CA LEU C 198 22.29 -16.91 17.84
C LEU C 198 21.16 -17.23 18.83
N ILE C 199 21.06 -18.48 19.26
CA ILE C 199 20.11 -18.86 20.30
C ILE C 199 20.87 -18.92 21.63
N LYS C 200 20.76 -17.86 22.43
CA LYS C 200 21.31 -17.82 23.77
C LYS C 200 20.17 -17.80 24.78
N SER C 201 20.29 -18.63 25.82
CA SER C 201 19.23 -18.81 26.78
C SER C 201 19.77 -18.82 28.20
N PRO C 202 19.01 -18.27 29.17
CA PRO C 202 19.40 -18.41 30.59
C PRO C 202 18.87 -19.71 31.20
N ASP C 203 17.73 -20.17 30.69
CA ASP C 203 17.06 -21.36 31.18
C ASP C 203 17.88 -22.61 30.90
N SER C 204 17.76 -23.60 31.79
CA SER C 204 18.44 -24.87 31.59
C SER C 204 17.82 -25.69 30.46
N HIS C 205 16.63 -25.33 29.99
CA HIS C 205 16.09 -25.79 28.72
C HIS C 205 15.68 -24.54 27.94
N PRO C 206 16.27 -24.27 26.78
CA PRO C 206 15.77 -23.17 25.95
C PRO C 206 14.66 -23.60 25.01
N ALA C 207 13.80 -22.63 24.66
CA ALA C 207 12.60 -22.90 23.86
C ALA C 207 12.25 -21.67 23.03
N ASP C 208 11.63 -21.89 21.86
CA ASP C 208 11.21 -23.18 21.30
C ASP C 208 11.94 -23.58 20.00
N GLY C 209 12.34 -22.59 19.20
CA GLY C 209 13.19 -22.83 18.06
C GLY C 209 13.08 -21.72 17.04
N ILE C 210 13.77 -21.93 15.91
CA ILE C 210 13.71 -21.04 14.76
C ILE C 210 13.32 -21.90 13.57
N ALA C 211 12.72 -21.27 12.56
CA ALA C 211 12.29 -21.98 11.37
C ALA C 211 12.42 -21.07 10.15
N PHE C 212 12.95 -21.63 9.06
CA PHE C 212 12.78 -21.04 7.74
C PHE C 212 11.50 -21.62 7.14
N PHE C 213 10.71 -20.78 6.48
CA PHE C 213 9.46 -21.30 5.93
C PHE C 213 9.12 -20.59 4.62
N ILE C 214 8.25 -21.26 3.86
CA ILE C 214 7.66 -20.81 2.62
C ILE C 214 6.15 -20.95 2.77
N SER C 215 5.39 -19.94 2.35
CA SER C 215 3.95 -19.98 2.51
C SER C 215 3.27 -19.17 1.42
N ASN C 216 1.95 -19.29 1.36
CA ASN C 216 1.15 -18.45 0.47
C ASN C 216 1.35 -16.98 0.85
N ILE C 217 1.17 -16.08 -0.14
CA ILE C 217 1.67 -14.70 -0.03
C ILE C 217 1.18 -14.02 1.24
N ASP C 218 -0.09 -14.22 1.57
CA ASP C 218 -0.78 -13.47 2.61
C ASP C 218 -0.69 -14.12 3.99
N SER C 219 0.15 -15.14 4.15
CA SER C 219 0.28 -15.85 5.42
C SER C 219 0.46 -14.87 6.55
N SER C 220 -0.19 -15.15 7.68
CA SER C 220 0.04 -14.42 8.92
C SER C 220 0.16 -15.41 10.06
N ILE C 221 0.68 -14.94 11.20
CA ILE C 221 0.83 -15.77 12.40
C ILE C 221 -0.49 -16.41 12.81
N PRO C 222 -0.58 -17.74 12.88
CA PRO C 222 -1.82 -18.36 13.31
C PRO C 222 -2.11 -18.02 14.77
N SER C 223 -3.38 -18.14 15.14
CA SER C 223 -3.81 -17.87 16.53
C SER C 223 -3.27 -18.96 17.47
N GLY C 224 -2.71 -18.53 18.60
CA GLY C 224 -2.13 -19.44 19.61
C GLY C 224 -0.97 -20.26 19.07
N SER C 225 -0.15 -19.64 18.22
CA SER C 225 1.01 -20.31 17.57
C SER C 225 2.29 -20.06 18.35
N THR C 226 2.18 -19.68 19.62
CA THR C 226 3.38 -19.56 20.50
C THR C 226 3.86 -20.94 20.96
N GLY C 227 5.01 -20.96 21.62
CA GLY C 227 5.58 -22.22 22.13
C GLY C 227 5.92 -23.24 21.06
N ARG C 228 5.46 -24.46 21.22
CA ARG C 228 5.77 -25.61 20.34
C ARG C 228 5.24 -25.45 18.91
N LEU C 229 4.23 -24.61 18.71
CA LEU C 229 3.62 -24.34 17.39
C LEU C 229 4.53 -23.51 16.48
N LEU C 230 5.50 -22.78 17.04
CA LEU C 230 6.62 -22.10 16.33
C LEU C 230 6.19 -20.95 15.44
N GLY C 231 4.97 -20.44 15.57
CA GLY C 231 4.48 -19.34 14.74
C GLY C 231 4.07 -19.79 13.37
N LEU C 232 3.87 -21.08 13.17
CA LEU C 232 3.52 -21.54 11.82
C LEU C 232 2.22 -22.34 11.77
N PHE C 233 1.89 -23.08 12.81
CA PHE C 233 0.76 -23.95 12.70
C PHE C 233 -0.33 -23.58 13.70
N PRO C 234 -1.61 -23.65 13.32
CA PRO C 234 -2.66 -23.27 14.27
C PRO C 234 -2.85 -24.31 15.35
N ASP C 235 -2.49 -25.56 15.07
CA ASP C 235 -2.73 -26.71 15.91
C ASP C 235 -1.67 -27.77 15.60
N ALA C 236 -1.64 -28.82 16.41
CA ALA C 236 -0.55 -29.79 16.37
C ALA C 236 -0.92 -31.06 15.60
N ASN C 237 -1.72 -30.94 14.55
CA ASN C 237 -2.09 -32.13 13.78
C ASN C 237 -1.05 -32.31 12.68
N ALA D 1 8.16 22.32 -2.90
CA ALA D 1 7.53 22.87 -1.70
C ALA D 1 6.01 22.68 -1.76
N ASP D 2 5.44 22.14 -0.67
CA ASP D 2 4.04 21.75 -0.62
C ASP D 2 3.12 22.95 -0.44
N THR D 3 2.01 22.93 -1.17
CA THR D 3 0.97 23.93 -1.00
C THR D 3 0.27 23.74 0.35
N ILE D 4 0.37 24.75 1.21
CA ILE D 4 -0.25 24.70 2.54
C ILE D 4 -1.29 25.80 2.67
N VAL D 5 -2.46 25.45 3.19
CA VAL D 5 -3.43 26.39 3.76
C VAL D 5 -3.69 25.94 5.20
N ALA D 6 -3.57 26.86 6.15
CA ALA D 6 -3.68 26.43 7.53
C ALA D 6 -4.27 27.53 8.42
N VAL D 7 -4.95 27.07 9.48
CA VAL D 7 -5.38 27.92 10.58
C VAL D 7 -4.50 27.54 11.76
N GLU D 8 -3.62 28.44 12.17
CA GLU D 8 -2.61 28.14 13.18
C GLU D 8 -3.08 28.66 14.54
N LEU D 9 -2.94 27.80 15.57
CA LEU D 9 -3.16 28.22 16.96
C LEU D 9 -1.79 28.49 17.57
N ASP D 10 -1.30 29.71 17.35
CA ASP D 10 0.08 30.09 17.66
C ASP D 10 0.21 30.56 19.10
N THR D 11 1.00 29.83 19.89
CA THR D 11 1.16 30.09 21.31
C THR D 11 2.45 30.85 21.65
N TYR D 12 3.25 31.19 20.65
CA TYR D 12 4.57 31.76 20.87
C TYR D 12 4.82 32.92 19.92
N PRO D 13 4.99 34.13 20.44
CA PRO D 13 5.33 35.26 19.56
C PRO D 13 6.73 35.12 18.97
N ASN D 14 6.78 34.90 17.67
CA ASN D 14 8.03 34.88 16.88
C ASN D 14 8.07 36.23 16.16
N THR D 15 8.47 37.29 16.87
CA THR D 15 8.46 38.69 16.35
C THR D 15 9.37 38.86 15.14
N ASP D 16 10.47 38.12 15.07
CA ASP D 16 11.35 38.26 13.88
C ASP D 16 10.67 37.79 12.59
N ILE D 17 9.75 36.83 12.65
CA ILE D 17 9.05 36.36 11.43
C ILE D 17 7.65 36.94 11.29
N GLY D 18 7.37 38.08 11.93
CA GLY D 18 6.07 38.77 11.73
C GLY D 18 4.96 38.40 12.70
N ASP D 19 5.23 37.61 13.71
CA ASP D 19 4.14 37.27 14.65
C ASP D 19 3.84 38.49 15.52
N PRO D 20 2.57 38.83 15.80
CA PRO D 20 2.22 39.93 16.69
C PRO D 20 2.65 39.59 18.11
N SER D 21 2.84 40.57 18.99
CA SER D 21 3.47 40.22 20.29
C SER D 21 2.54 39.62 21.34
N TYR D 22 1.83 38.54 21.02
CA TYR D 22 0.96 37.81 21.97
C TYR D 22 0.58 36.46 21.37
N PRO D 23 0.12 35.46 22.14
CA PRO D 23 -0.36 34.22 21.55
C PRO D 23 -1.50 34.58 20.60
N HIS D 24 -1.51 34.04 19.39
CA HIS D 24 -2.55 34.45 18.41
C HIS D 24 -3.06 33.29 17.55
N ILE D 25 -4.19 33.52 16.89
CA ILE D 25 -4.70 32.56 15.92
C ILE D 25 -4.52 33.17 14.53
N GLY D 26 -4.11 32.37 13.57
CA GLY D 26 -3.75 32.90 12.27
C GLY D 26 -4.33 32.08 11.15
N ILE D 27 -4.53 32.75 10.01
CA ILE D 27 -4.80 32.10 8.74
C ILE D 27 -3.53 32.21 7.89
N ASP D 28 -2.95 31.06 7.53
CA ASP D 28 -1.69 30.97 6.76
C ASP D 28 -1.98 30.46 5.35
N ILE D 29 -1.92 31.35 4.36
CA ILE D 29 -2.11 30.94 2.98
C ILE D 29 -0.72 30.88 2.33
N LYS D 30 -0.12 29.69 2.32
CA LYS D 30 1.15 29.34 1.67
C LYS D 30 2.35 29.97 2.34
N SER D 31 2.22 30.49 3.56
CA SER D 31 3.35 31.06 4.28
C SER D 31 3.07 30.96 5.77
N VAL D 32 4.13 30.81 6.56
CA VAL D 32 4.00 30.96 8.00
C VAL D 32 3.61 32.39 8.38
N ARG D 33 3.88 33.37 7.51
CA ARG D 33 3.45 34.74 7.78
C ARG D 33 1.95 34.85 7.52
N SER D 34 1.17 34.89 8.61
CA SER D 34 -0.29 34.84 8.54
C SER D 34 -0.82 35.93 7.62
N LYS D 35 -2.01 35.71 7.05
CA LYS D 35 -2.62 36.76 6.23
C LYS D 35 -3.55 37.66 7.03
N LYS D 36 -3.87 37.29 8.28
CA LYS D 36 -4.82 37.92 9.20
C LYS D 36 -4.62 37.25 10.55
N THR D 37 -4.47 38.03 11.61
CA THR D 37 -4.26 37.45 12.94
C THR D 37 -5.27 38.02 13.91
N ALA D 38 -5.29 37.42 15.11
CA ALA D 38 -6.23 37.82 16.15
C ALA D 38 -5.69 37.34 17.48
N LYS D 39 -5.61 38.26 18.44
CA LYS D 39 -5.27 37.91 19.82
C LYS D 39 -6.05 36.71 20.28
N TRP D 40 -5.34 35.70 20.73
CA TRP D 40 -5.95 34.55 21.35
C TRP D 40 -5.46 34.46 22.79
N ASN D 41 -6.39 34.08 23.65
CA ASN D 41 -6.30 34.24 25.09
C ASN D 41 -6.04 32.88 25.74
N MET D 42 -4.91 32.25 25.43
CA MET D 42 -4.80 30.83 25.74
C MET D 42 -4.89 30.63 27.26
N GLN D 43 -5.46 29.48 27.62
CA GLN D 43 -5.62 28.99 28.98
C GLN D 43 -4.77 27.72 29.09
N ASN D 44 -3.65 27.80 29.81
CA ASN D 44 -2.73 26.67 29.95
C ASN D 44 -3.40 25.56 30.76
N GLY D 45 -3.44 24.36 30.20
CA GLY D 45 -4.04 23.24 30.91
C GLY D 45 -5.53 23.11 30.78
N LYS D 46 -6.18 23.91 29.94
CA LYS D 46 -7.61 23.86 29.73
C LYS D 46 -7.93 23.30 28.34
N VAL D 47 -8.95 22.45 28.28
CA VAL D 47 -9.45 21.91 27.02
C VAL D 47 -10.17 22.99 26.22
N GLY D 48 -9.68 23.26 25.00
CA GLY D 48 -10.27 24.23 24.11
C GLY D 48 -10.88 23.60 22.84
N THR D 49 -11.65 24.40 22.12
CA THR D 49 -12.34 23.95 20.92
C THR D 49 -12.04 24.86 19.74
N ALA D 50 -11.73 24.27 18.59
CA ALA D 50 -11.52 25.03 17.37
C ALA D 50 -12.55 24.62 16.33
N HIS D 51 -12.97 25.59 15.50
CA HIS D 51 -14.01 25.40 14.49
C HIS D 51 -13.64 26.21 13.25
N ILE D 52 -13.44 25.54 12.11
CA ILE D 52 -13.07 26.20 10.86
C ILE D 52 -14.21 25.97 9.86
N ILE D 53 -14.61 27.01 9.14
CA ILE D 53 -15.60 26.86 8.08
C ILE D 53 -15.17 27.66 6.85
N TYR D 54 -15.43 27.09 5.68
CA TYR D 54 -15.27 27.76 4.40
C TYR D 54 -16.41 27.33 3.50
N ASN D 55 -16.91 28.25 2.67
CA ASN D 55 -17.85 27.86 1.62
C ASN D 55 -17.57 28.68 0.37
N SER D 56 -17.77 28.04 -0.78
CA SER D 56 -17.36 28.62 -2.06
C SER D 56 -18.21 29.82 -2.47
N VAL D 57 -19.23 30.19 -1.70
CA VAL D 57 -20.08 31.32 -2.06
C VAL D 57 -19.55 32.61 -1.50
N ASP D 58 -19.32 32.68 -0.19
CA ASP D 58 -18.63 33.83 0.38
C ASP D 58 -17.15 33.81 0.05
N LYS D 59 -16.62 32.65 -0.35
CA LYS D 59 -15.19 32.42 -0.47
C LYS D 59 -14.43 33.03 0.71
N ARG D 60 -14.88 32.70 1.92
CA ARG D 60 -14.22 33.26 3.08
C ARG D 60 -13.88 32.12 4.05
N LEU D 61 -12.74 32.24 4.71
CA LEU D 61 -12.24 31.20 5.58
C LEU D 61 -12.25 31.73 7.02
N SER D 62 -13.14 31.17 7.83
CA SER D 62 -13.33 31.61 9.19
C SER D 62 -12.89 30.53 10.16
N ALA D 63 -12.43 30.96 11.33
CA ALA D 63 -12.04 30.07 12.41
C ALA D 63 -12.40 30.76 13.72
N VAL D 64 -12.90 29.99 14.68
CA VAL D 64 -13.27 30.48 16.00
C VAL D 64 -12.70 29.53 17.05
N VAL D 65 -11.90 30.07 17.97
CA VAL D 65 -11.30 29.28 19.04
C VAL D 65 -11.88 29.80 20.35
N SER D 66 -12.27 28.88 21.23
CA SER D 66 -13.08 29.24 22.39
C SER D 66 -12.87 28.24 23.51
N TYR D 67 -12.82 28.75 24.73
CA TYR D 67 -12.88 27.90 25.90
C TYR D 67 -14.24 28.03 26.56
N PRO D 68 -14.69 26.99 27.27
CA PRO D 68 -15.88 27.14 28.11
C PRO D 68 -15.82 28.40 28.97
N ASN D 69 -16.90 29.18 28.92
CA ASN D 69 -17.14 30.31 29.82
C ASN D 69 -16.12 31.43 29.60
N ALA D 70 -15.79 31.69 28.34
CA ALA D 70 -14.86 32.74 27.97
C ALA D 70 -15.22 33.26 26.59
N ASP D 71 -14.58 34.35 26.19
CA ASP D 71 -14.90 34.94 24.91
C ASP D 71 -14.38 34.07 23.78
N SER D 72 -14.83 34.38 22.56
CA SER D 72 -14.25 33.77 21.38
C SER D 72 -12.93 34.45 21.05
N ALA D 73 -12.25 33.91 20.05
CA ALA D 73 -11.38 34.69 19.18
C ALA D 73 -11.68 34.24 17.76
N THR D 74 -12.00 35.19 16.88
CA THR D 74 -12.34 34.87 15.51
C THR D 74 -11.34 35.53 14.58
N VAL D 75 -11.17 34.92 13.41
CA VAL D 75 -10.31 35.49 12.39
C VAL D 75 -10.78 34.94 11.05
N SER D 76 -11.11 35.84 10.13
CA SER D 76 -11.61 35.50 8.81
C SER D 76 -10.70 36.11 7.74
N TYR D 77 -10.87 35.65 6.51
CA TYR D 77 -10.00 36.07 5.42
C TYR D 77 -10.67 35.74 4.10
N ASP D 78 -10.89 36.75 3.25
CA ASP D 78 -11.36 36.49 1.89
C ASP D 78 -10.27 35.74 1.13
N VAL D 79 -10.60 34.57 0.61
CA VAL D 79 -9.65 33.80 -0.16
C VAL D 79 -10.37 32.83 -1.09
N ASP D 80 -9.97 32.82 -2.36
CA ASP D 80 -10.55 31.90 -3.34
C ASP D 80 -9.66 30.66 -3.38
N LEU D 81 -10.02 29.62 -2.63
CA LEU D 81 -9.08 28.51 -2.45
C LEU D 81 -8.88 27.67 -3.70
N ASP D 82 -9.75 27.78 -4.70
CA ASP D 82 -9.47 27.04 -5.92
C ASP D 82 -8.44 27.75 -6.79
N ASN D 83 -7.94 28.90 -6.34
CA ASN D 83 -6.73 29.50 -6.90
C ASN D 83 -5.50 29.19 -6.06
N VAL D 84 -5.68 28.62 -4.87
CA VAL D 84 -4.56 28.31 -3.99
C VAL D 84 -4.20 26.83 -4.02
N LEU D 85 -5.21 25.97 -3.96
CA LEU D 85 -5.07 24.57 -3.63
C LEU D 85 -5.31 23.69 -4.84
N PRO D 86 -4.62 22.55 -4.92
CA PRO D 86 -4.96 21.55 -5.93
C PRO D 86 -6.42 21.08 -5.76
N GLU D 87 -6.92 20.45 -6.80
CA GLU D 87 -8.30 19.97 -6.78
C GLU D 87 -8.51 18.93 -5.68
N TRP D 88 -7.55 18.01 -5.50
CA TRP D 88 -7.57 17.04 -4.41
C TRP D 88 -6.48 17.36 -3.40
N VAL D 89 -6.78 17.03 -2.15
CA VAL D 89 -5.97 17.46 -1.00
C VAL D 89 -6.09 16.39 0.09
N ARG D 90 -5.17 16.42 1.04
CA ARG D 90 -5.45 15.83 2.34
C ARG D 90 -5.54 16.95 3.36
N VAL D 91 -6.36 16.73 4.39
CA VAL D 91 -6.48 17.69 5.49
C VAL D 91 -5.86 17.05 6.72
N GLY D 92 -5.34 17.89 7.63
CA GLY D 92 -4.71 17.32 8.80
C GLY D 92 -4.47 18.29 9.95
N LEU D 93 -3.94 17.72 11.04
CA LEU D 93 -3.53 18.47 12.21
C LEU D 93 -2.01 18.37 12.37
N SER D 94 -1.38 19.50 12.71
CA SER D 94 0.07 19.61 12.84
C SER D 94 0.43 20.37 14.10
N ALA D 95 1.64 20.15 14.60
CA ALA D 95 2.06 20.72 15.88
C ALA D 95 3.57 20.61 16.06
N SER D 96 4.16 21.62 16.71
CA SER D 96 5.60 21.59 16.94
C SER D 96 5.98 22.31 18.24
N THR D 97 7.19 21.98 18.71
CA THR D 97 7.87 22.62 19.83
C THR D 97 9.24 23.08 19.36
N GLY D 98 9.86 23.96 20.15
CA GLY D 98 11.23 24.42 19.88
C GLY D 98 12.11 24.40 21.11
N LEU D 99 12.80 25.51 21.42
CA LEU D 99 13.43 25.63 22.74
C LEU D 99 12.41 25.44 23.84
N TYR D 100 11.29 26.14 23.73
CA TYR D 100 10.16 26.00 24.62
C TYR D 100 9.18 24.96 24.06
N LYS D 101 8.22 24.57 24.89
CA LYS D 101 7.51 23.32 24.64
C LYS D 101 6.16 23.32 25.36
N GLU D 102 5.34 22.33 25.03
CA GLU D 102 3.96 22.23 25.48
C GLU D 102 3.43 20.87 25.05
N THR D 103 2.45 20.36 25.79
CA THR D 103 1.73 19.21 25.28
C THR D 103 0.82 19.68 24.15
N ASN D 104 0.77 18.90 23.07
CA ASN D 104 -0.09 19.20 21.93
C ASN D 104 -1.07 18.05 21.78
N THR D 105 -2.03 17.99 22.70
CA THR D 105 -2.97 16.88 22.83
C THR D 105 -4.22 17.18 22.02
N ILE D 106 -4.57 16.27 21.13
CA ILE D 106 -5.80 16.35 20.37
C ILE D 106 -6.80 15.36 20.97
N LEU D 107 -8.01 15.83 21.21
CA LEU D 107 -8.99 15.04 21.93
C LEU D 107 -10.14 14.57 21.06
N SER D 108 -10.58 15.40 20.11
CA SER D 108 -11.64 15.01 19.17
C SER D 108 -11.42 15.77 17.87
N TRP D 109 -11.71 15.12 16.75
CA TRP D 109 -11.50 15.75 15.45
C TRP D 109 -12.62 15.34 14.51
N SER D 110 -13.33 16.31 13.96
CA SER D 110 -14.35 16.01 12.98
C SER D 110 -14.17 16.93 11.78
N PHE D 111 -14.80 16.56 10.66
CA PHE D 111 -14.61 17.24 9.39
C PHE D 111 -15.70 16.81 8.41
N THR D 112 -16.15 17.74 7.59
CA THR D 112 -17.24 17.55 6.64
C THR D 112 -16.87 18.31 5.37
N SER D 113 -17.05 17.68 4.22
CA SER D 113 -16.74 18.29 2.93
C SER D 113 -17.89 18.01 1.97
N LYS D 114 -18.33 19.02 1.24
CA LYS D 114 -19.42 18.82 0.27
C LYS D 114 -19.15 19.53 -1.05
N LEU D 115 -19.41 18.83 -2.15
CA LEU D 115 -19.42 19.41 -3.50
C LEU D 115 -20.80 19.24 -4.09
N LYS D 116 -21.44 20.35 -4.44
CA LYS D 116 -22.77 20.35 -5.06
C LYS D 116 -22.55 20.80 -6.51
N SER D 117 -22.50 19.85 -7.43
CA SER D 117 -21.96 20.14 -8.76
C SER D 117 -22.95 20.93 -9.62
N ASN D 118 -22.40 21.51 -10.70
CA ASN D 118 -23.16 22.36 -11.62
C ASN D 118 -23.76 21.57 -12.78
N SER D 119 -23.13 20.46 -13.16
CA SER D 119 -23.68 19.62 -14.22
C SER D 119 -24.96 18.94 -13.78
N THR D 120 -24.94 18.25 -12.63
CA THR D 120 -26.03 17.38 -12.23
C THR D 120 -26.81 17.85 -11.00
N HIS D 121 -26.26 18.76 -10.20
CA HIS D 121 -26.93 19.28 -9.00
C HIS D 121 -27.17 18.18 -7.96
N GLU D 122 -26.26 17.21 -7.92
CA GLU D 122 -26.27 16.09 -7.00
C GLU D 122 -24.94 16.08 -6.25
N THR D 123 -25.00 15.96 -4.92
CA THR D 123 -23.87 16.34 -4.09
C THR D 123 -22.99 15.13 -3.76
N ASN D 124 -21.68 15.35 -3.74
CA ASN D 124 -20.72 14.45 -3.13
C ASN D 124 -20.34 14.95 -1.74
N ALA D 125 -20.04 14.02 -0.82
CA ALA D 125 -19.82 14.37 0.57
C ALA D 125 -18.83 13.41 1.22
N LEU D 126 -18.05 13.94 2.16
CA LEU D 126 -17.19 13.15 3.03
C LEU D 126 -17.35 13.65 4.47
N HIS D 127 -17.45 12.72 5.41
CA HIS D 127 -17.61 13.07 6.82
C HIS D 127 -16.87 12.05 7.65
N PHE D 128 -16.04 12.52 8.56
CA PHE D 128 -15.39 11.64 9.50
C PHE D 128 -15.47 12.29 10.88
N MET D 129 -15.43 11.46 11.90
CA MET D 129 -15.53 11.96 13.27
C MET D 129 -14.71 11.05 14.17
N PHE D 130 -13.66 11.59 14.74
CA PHE D 130 -12.86 10.91 15.75
C PHE D 130 -13.14 11.58 17.08
N ASN D 131 -13.82 10.87 17.97
CA ASN D 131 -13.88 11.30 19.36
C ASN D 131 -12.89 10.58 20.24
N GLN D 132 -12.39 9.41 19.83
CA GLN D 132 -11.18 8.89 20.44
C GLN D 132 -10.35 8.16 19.39
N PHE D 133 -9.09 7.97 19.75
CA PHE D 133 -8.07 7.46 18.86
C PHE D 133 -7.49 6.20 19.48
N SER D 134 -7.55 5.08 18.77
CA SER D 134 -7.00 3.85 19.31
C SER D 134 -5.49 3.81 19.07
N LYS D 135 -4.86 2.79 19.63
CA LYS D 135 -3.41 2.66 19.50
C LYS D 135 -2.99 2.35 18.07
N ASP D 136 -3.89 1.88 17.21
CA ASP D 136 -3.46 1.54 15.87
C ASP D 136 -4.49 2.05 14.85
N GLN D 137 -4.58 3.37 14.77
CA GLN D 137 -5.59 4.08 14.00
C GLN D 137 -5.23 4.10 12.51
N LYS D 138 -5.96 3.32 11.70
CA LYS D 138 -5.62 3.12 10.30
C LYS D 138 -6.21 4.14 9.32
N ASP D 139 -7.21 4.91 9.68
CA ASP D 139 -7.61 5.98 8.80
C ASP D 139 -6.83 7.26 9.05
N LEU D 140 -5.83 7.21 9.92
CA LEU D 140 -4.90 8.31 10.10
C LEU D 140 -3.54 7.95 9.55
N ILE D 141 -2.88 8.94 8.98
CA ILE D 141 -1.47 8.89 8.58
C ILE D 141 -0.71 9.72 9.59
N LEU D 142 0.17 9.06 10.37
CA LEU D 142 1.00 9.74 11.36
C LEU D 142 2.38 10.06 10.80
N GLN D 143 2.82 11.29 10.97
CA GLN D 143 4.11 11.76 10.47
C GLN D 143 4.93 12.33 11.61
N GLY D 144 6.22 11.97 11.63
CA GLY D 144 7.10 12.50 12.65
C GLY D 144 6.84 11.97 14.04
N ASP D 145 6.48 12.83 14.97
CA ASP D 145 6.44 12.46 16.37
C ASP D 145 5.03 12.12 16.87
N ALA D 146 4.03 12.06 15.98
CA ALA D 146 2.66 11.84 16.43
C ALA D 146 2.41 10.37 16.79
N THR D 147 1.64 10.17 17.85
CA THR D 147 1.26 8.86 18.35
C THR D 147 -0.18 8.93 18.84
N THR D 148 -0.88 7.79 18.76
CA THR D 148 -2.26 7.68 19.23
C THR D 148 -2.33 6.63 20.32
N GLY D 149 -3.51 6.52 20.93
CA GLY D 149 -3.80 5.41 21.84
C GLY D 149 -3.31 5.60 23.26
N THR D 150 -2.84 6.78 23.62
CA THR D 150 -2.50 7.12 25.00
C THR D 150 -3.69 7.85 25.59
N ASP D 151 -4.43 7.16 26.47
CA ASP D 151 -5.64 7.68 27.10
C ASP D 151 -6.74 7.96 26.07
N GLY D 152 -6.70 7.27 24.93
CA GLY D 152 -7.70 7.48 23.90
C GLY D 152 -7.53 8.75 23.09
N ASN D 153 -6.38 9.40 23.18
CA ASN D 153 -6.18 10.66 22.51
C ASN D 153 -5.16 10.51 21.38
N LEU D 154 -5.00 11.60 20.64
CA LEU D 154 -3.99 11.76 19.60
C LEU D 154 -2.93 12.71 20.15
N GLU D 155 -1.67 12.24 20.29
CA GLU D 155 -0.65 13.10 20.88
C GLU D 155 0.30 13.56 19.77
N LEU D 156 0.24 14.85 19.43
CA LEU D 156 0.86 15.32 18.19
C LEU D 156 2.38 15.51 18.30
N THR D 157 2.86 16.18 19.34
CA THR D 157 4.28 16.21 19.66
C THR D 157 4.55 15.21 20.77
N ARG D 158 5.81 15.05 21.14
CA ARG D 158 6.12 14.02 22.13
C ARG D 158 5.71 14.41 23.54
N VAL D 159 5.35 13.40 24.31
CA VAL D 159 5.17 13.49 25.75
C VAL D 159 5.97 12.34 26.34
N SER D 160 6.77 12.63 27.37
CA SER D 160 7.50 11.56 28.01
C SER D 160 6.54 10.68 28.80
N SER D 161 7.01 9.50 29.20
CA SER D 161 6.22 8.73 30.16
C SER D 161 6.09 9.45 31.49
N ASN D 162 6.94 10.45 31.75
CA ASN D 162 6.73 11.38 32.85
C ASN D 162 5.93 12.63 32.43
N GLY D 163 5.09 12.51 31.39
CA GLY D 163 4.11 13.51 30.99
C GLY D 163 4.66 14.83 30.50
N SER D 164 5.98 15.00 30.47
CA SER D 164 6.59 16.29 30.20
C SER D 164 6.82 16.46 28.70
N PRO D 165 6.24 17.47 28.07
CA PRO D 165 6.48 17.69 26.65
C PRO D 165 7.97 17.88 26.36
N GLN D 166 8.41 17.33 25.23
CA GLN D 166 9.79 17.43 24.78
C GLN D 166 9.95 18.60 23.81
N GLY D 167 11.20 18.96 23.55
CA GLY D 167 11.53 20.04 22.66
C GLY D 167 11.88 19.55 21.27
N SER D 168 12.03 20.52 20.36
CA SER D 168 12.44 20.27 18.98
C SER D 168 11.69 19.10 18.36
N SER D 169 10.37 19.10 18.55
CA SER D 169 9.52 18.01 18.07
C SER D 169 8.48 18.57 17.09
N VAL D 170 8.19 17.77 16.06
CA VAL D 170 7.12 18.09 15.12
C VAL D 170 6.36 16.79 14.83
N GLY D 171 5.04 16.88 14.85
CA GLY D 171 4.19 15.75 14.51
C GLY D 171 2.97 16.21 13.73
N ARG D 172 2.49 15.36 12.83
CA ARG D 172 1.27 15.64 12.08
C ARG D 172 0.41 14.38 12.00
N ALA D 173 -0.90 14.58 11.89
CA ALA D 173 -1.80 13.49 11.58
C ALA D 173 -2.68 13.93 10.41
N LEU D 174 -2.82 13.04 9.43
CA LEU D 174 -3.59 13.30 8.22
C LEU D 174 -4.67 12.24 8.08
N PHE D 175 -5.85 12.66 7.62
CA PHE D 175 -6.89 11.68 7.30
C PHE D 175 -6.49 10.92 6.02
N TYR D 176 -6.73 9.62 6.02
CA TYR D 176 -6.12 8.75 5.03
C TYR D 176 -6.64 9.01 3.62
N ALA D 177 -7.92 9.39 3.48
CA ALA D 177 -8.37 9.47 2.10
C ALA D 177 -8.41 10.91 1.63
N PRO D 178 -7.89 11.22 0.45
CA PRO D 178 -7.93 12.59 -0.04
C PRO D 178 -9.35 13.11 -0.24
N VAL D 179 -9.49 14.43 -0.11
CA VAL D 179 -10.77 15.12 -0.17
C VAL D 179 -10.82 15.95 -1.45
N HIS D 180 -11.98 15.95 -2.11
CA HIS D 180 -12.22 16.77 -3.31
C HIS D 180 -12.68 18.15 -2.84
N ILE D 181 -11.73 19.08 -2.73
CA ILE D 181 -12.02 20.36 -2.08
C ILE D 181 -12.58 21.44 -3.01
N TRP D 182 -12.37 21.33 -4.31
CA TRP D 182 -13.09 22.17 -5.25
C TRP D 182 -13.11 21.46 -6.60
N GLU D 183 -13.98 21.93 -7.50
CA GLU D 183 -14.14 21.35 -8.82
C GLU D 183 -14.87 22.36 -9.70
N SER D 184 -14.33 22.61 -10.90
CA SER D 184 -14.83 23.67 -11.75
C SER D 184 -16.34 23.59 -11.98
N SER D 185 -16.86 22.38 -12.22
CA SER D 185 -18.30 22.19 -12.44
C SER D 185 -19.11 22.07 -11.14
N ALA D 186 -18.85 22.92 -10.15
CA ALA D 186 -19.49 22.82 -8.85
C ALA D 186 -20.23 24.12 -8.53
N VAL D 187 -21.53 24.00 -8.22
CA VAL D 187 -22.31 25.17 -7.84
C VAL D 187 -21.85 25.67 -6.47
N VAL D 188 -21.84 24.79 -5.47
CA VAL D 188 -21.39 25.14 -4.13
C VAL D 188 -20.44 24.08 -3.62
N ALA D 189 -19.32 24.52 -3.06
CA ALA D 189 -18.34 23.68 -2.38
C ALA D 189 -18.19 24.21 -0.96
N SER D 190 -18.17 23.32 0.04
CA SER D 190 -18.04 23.83 1.39
C SER D 190 -17.39 22.79 2.30
N PHE D 191 -16.70 23.27 3.34
CA PHE D 191 -16.15 22.36 4.33
C PHE D 191 -16.25 22.95 5.73
N GLU D 192 -16.35 22.06 6.68
CA GLU D 192 -16.33 22.35 8.11
C GLU D 192 -15.32 21.43 8.78
N ALA D 193 -14.62 21.95 9.77
CA ALA D 193 -13.72 21.13 10.54
C ALA D 193 -13.80 21.60 11.99
N THR D 194 -13.61 20.65 12.92
CA THR D 194 -13.69 20.92 14.35
C THR D 194 -12.71 20.02 15.09
N PHE D 195 -11.99 20.59 16.05
CA PHE D 195 -11.22 19.74 16.92
C PHE D 195 -11.16 20.38 18.30
N THR D 196 -10.91 19.53 19.28
CA THR D 196 -10.71 19.97 20.65
C THR D 196 -9.30 19.57 21.07
N PHE D 197 -8.66 20.43 21.86
CA PHE D 197 -7.24 20.32 22.13
C PHE D 197 -6.96 20.65 23.57
N LEU D 198 -5.85 20.11 24.08
CA LEU D 198 -5.37 20.40 25.42
C LEU D 198 -3.90 20.76 25.33
N ILE D 199 -3.57 22.05 25.48
CA ILE D 199 -2.18 22.50 25.54
C ILE D 199 -1.79 22.82 26.99
N LYS D 200 -0.72 22.18 27.45
CA LYS D 200 -0.27 22.25 28.83
C LYS D 200 1.26 22.37 28.82
N SER D 201 1.77 23.27 29.66
CA SER D 201 3.19 23.55 29.64
C SER D 201 3.72 23.80 31.04
N PRO D 202 4.87 23.20 31.40
CA PRO D 202 5.50 23.57 32.69
C PRO D 202 6.30 24.86 32.62
N ASP D 203 6.70 25.31 31.43
CA ASP D 203 7.43 26.57 31.27
C ASP D 203 6.57 27.76 31.65
N SER D 204 7.23 28.89 31.89
CA SER D 204 6.50 30.14 31.96
C SER D 204 5.89 30.50 30.61
N HIS D 205 6.42 29.94 29.51
CA HIS D 205 5.98 30.24 28.16
C HIS D 205 5.79 28.95 27.38
N PRO D 206 4.65 28.75 26.75
CA PRO D 206 4.42 27.53 25.96
C PRO D 206 4.63 27.79 24.48
N ALA D 207 5.06 26.76 23.73
CA ALA D 207 5.30 26.93 22.30
C ALA D 207 5.21 25.57 21.62
N ASP D 208 4.95 25.56 20.31
CA ASP D 208 4.69 26.73 19.44
C ASP D 208 3.21 26.83 19.02
N GLY D 209 2.58 25.69 18.83
CA GLY D 209 1.15 25.65 18.65
C GLY D 209 0.71 24.53 17.73
N ILE D 210 -0.61 24.45 17.57
CA ILE D 210 -1.28 23.45 16.74
C ILE D 210 -1.85 24.16 15.52
N ALA D 211 -1.90 23.45 14.40
CA ALA D 211 -2.52 23.98 13.19
C ALA D 211 -3.42 22.92 12.56
N PHE D 212 -4.55 23.39 11.99
CA PHE D 212 -5.35 22.61 11.05
C PHE D 212 -4.93 23.01 9.65
N PHE D 213 -4.61 22.04 8.81
CA PHE D 213 -4.06 22.43 7.53
C PHE D 213 -4.60 21.55 6.41
N ILE D 214 -4.58 22.11 5.20
CA ILE D 214 -4.99 21.45 3.98
C ILE D 214 -3.80 21.55 3.02
N SER D 215 -3.62 20.54 2.18
CA SER D 215 -2.35 20.42 1.50
C SER D 215 -2.50 19.44 0.35
N ASN D 216 -1.52 19.45 -0.55
CA ASN D 216 -1.44 18.38 -1.55
C ASN D 216 -1.38 17.02 -0.85
N ILE D 217 -1.84 15.97 -1.55
CA ILE D 217 -2.09 14.68 -0.88
C ILE D 217 -0.81 14.05 -0.34
N ASP D 218 0.34 14.36 -0.96
CA ASP D 218 1.61 13.73 -0.63
C ASP D 218 2.47 14.59 0.27
N SER D 219 1.88 15.59 0.91
CA SER D 219 2.59 16.47 1.83
C SER D 219 3.26 15.65 2.93
N SER D 220 4.39 16.16 3.38
CA SER D 220 5.08 15.60 4.53
C SER D 220 5.79 16.72 5.28
N ILE D 221 6.13 16.47 6.53
CA ILE D 221 6.88 17.41 7.36
C ILE D 221 8.08 17.94 6.58
N PRO D 222 8.14 19.24 6.31
CA PRO D 222 9.31 19.78 5.63
C PRO D 222 10.52 19.71 6.54
N SER D 223 11.68 19.60 5.91
CA SER D 223 12.95 19.61 6.60
C SER D 223 13.16 20.92 7.34
N GLY D 224 13.35 20.82 8.66
CA GLY D 224 13.58 22.00 9.47
C GLY D 224 12.33 22.76 9.83
N SER D 225 11.18 22.12 9.81
CA SER D 225 9.93 22.79 10.12
C SER D 225 9.60 22.71 11.61
N THR D 226 10.54 22.31 12.45
CA THR D 226 10.29 22.34 13.88
C THR D 226 10.18 23.78 14.38
N GLY D 227 9.77 23.90 15.64
CA GLY D 227 9.70 25.20 16.26
C GLY D 227 8.62 26.10 15.69
N ARG D 228 9.04 27.21 15.12
CA ARG D 228 8.12 28.27 14.72
C ARG D 228 7.47 28.02 13.36
N LEU D 229 7.84 26.95 12.65
CA LEU D 229 7.24 26.64 11.35
C LEU D 229 6.15 25.57 11.43
N LEU D 230 5.84 25.09 12.63
CA LEU D 230 4.65 24.28 12.92
C LEU D 230 4.56 23.01 12.06
N GLY D 231 5.67 22.48 11.60
CA GLY D 231 5.56 21.32 10.75
C GLY D 231 4.91 21.60 9.42
N LEU D 232 4.84 22.86 9.00
CA LEU D 232 4.04 23.29 7.88
C LEU D 232 4.84 23.87 6.73
N PHE D 233 5.91 24.61 7.02
CA PHE D 233 6.67 25.30 5.97
C PHE D 233 8.16 25.02 6.12
N PRO D 234 8.88 24.88 5.00
CA PRO D 234 10.33 24.68 5.09
C PRO D 234 11.06 25.88 5.65
N ASP D 235 10.55 27.08 5.44
CA ASP D 235 11.32 28.29 5.69
C ASP D 235 10.37 29.32 6.29
N ALA D 236 10.73 30.63 6.22
CA ALA D 236 9.91 31.63 6.87
C ALA D 236 9.57 32.79 5.94
N ASN D 237 9.70 32.57 4.63
CA ASN D 237 9.23 33.50 3.62
C ASN D 237 7.70 33.65 3.73
#